data_4QN9
#
_entry.id   4QN9
#
_cell.length_a   95.099
_cell.length_b   95.099
_cell.length_c   444.170
_cell.angle_alpha   90.00
_cell.angle_beta   90.00
_cell.angle_gamma   120.00
#
_symmetry.space_group_name_H-M   'P 65 2 2'
#
loop_
_entity.id
_entity.type
_entity.pdbx_description
1 polymer 'N-acyl-phosphatidylethanolamine-hydrolyzing phospholipase D'
2 non-polymer 'ZINC ION'
3 non-polymer 1,2-Distearoyl-sn-glycerophosphoethanolamine
4 non-polymer '(3ALPHA,5BETA,12ALPHA)-3,12-DIHYDROXYCHOLAN-24-OIC ACID'
5 non-polymer 'SULFATE ION'
6 water water
#
_entity_poly.entity_id   1
_entity_poly.type   'polypeptide(L)'
_entity_poly.pdbx_seq_one_letter_code
;MDENESNQSLMTSSQYPKEAVRKRQNSARNSGASDSSRFSRKSFKLDYRLEEDVTKSKKGKDGRFVNPWPTWKNPSIPNV
LRWLIMEKDHSSVPSSKEELDKELPVLKPYFITNPEEAGVREAGLRVTWLGHATVMVEMDELIFLTDPIFSSRASPSQYM
GPKRFRRSPCTISELPPIDAVLISHNHYDHLDYNSVIALNERFGNELRWFVPLGLLDWMQKCGCENVIELDWWEENCVPG
HDKVTFVFTPSQHWCKRTLMDDNKVLWGSWSVLGPWNRFFFAGDTGYCPAFEEIGKRFGPFDLAAIPIGAYEPRWFMKYQ
HVDPEEAVRIHTDVQTKKSMAIHWGTFALANEHYLEPPVKLNEALERYGLNAEDFFVLKHGESRYLNNDDENF
;
_entity_poly.pdbx_strand_id   A,B
#
# COMPACT_ATOMS: atom_id res chain seq x y z
N SER A 57 -47.17 3.12 -8.18
CA SER A 57 -46.84 3.19 -6.71
C SER A 57 -45.56 4.02 -6.42
N LYS A 58 -45.64 4.87 -5.40
CA LYS A 58 -44.59 5.83 -5.12
C LYS A 58 -43.45 5.15 -4.36
N LYS A 59 -42.39 5.91 -4.06
CA LYS A 59 -41.23 5.38 -3.33
C LYS A 59 -40.73 6.36 -2.29
N GLY A 60 -40.00 5.85 -1.29
CA GLY A 60 -39.21 6.70 -0.41
C GLY A 60 -38.39 7.56 -1.36
N LYS A 61 -38.72 8.85 -1.39
CA LYS A 61 -38.05 9.82 -2.24
C LYS A 61 -37.56 10.90 -1.30
N ASP A 62 -36.27 10.86 -0.94
CA ASP A 62 -35.80 11.59 0.25
C ASP A 62 -34.70 12.60 -0.04
N GLY A 63 -34.65 13.68 0.76
CA GLY A 63 -35.34 13.85 2.07
C GLY A 63 -34.37 14.53 3.06
N ARG A 64 -34.77 15.63 3.70
CA ARG A 64 -33.87 16.43 4.57
C ARG A 64 -34.50 16.94 5.88
N PHE A 65 -33.68 17.26 6.90
CA PHE A 65 -34.18 17.86 8.18
C PHE A 65 -34.34 19.39 8.13
N VAL A 66 -33.59 20.00 7.24
CA VAL A 66 -33.20 21.41 7.24
C VAL A 66 -31.71 21.34 7.53
N ASN A 67 -30.95 20.85 6.57
CA ASN A 67 -29.52 20.65 6.69
C ASN A 67 -29.18 19.24 6.11
N PRO A 68 -28.47 18.36 6.85
CA PRO A 68 -28.40 16.96 6.49
C PRO A 68 -29.65 16.22 6.01
N TRP A 69 -29.38 15.09 5.34
CA TRP A 69 -30.40 14.17 4.92
C TRP A 69 -30.64 13.25 6.09
N PRO A 70 -31.88 12.75 6.28
CA PRO A 70 -32.08 11.59 7.11
C PRO A 70 -32.68 10.47 6.27
N THR A 71 -32.79 9.31 6.88
CA THR A 71 -33.29 8.14 6.20
C THR A 71 -34.87 8.21 5.95
N TRP A 72 -35.66 8.64 6.94
CA TRP A 72 -37.15 8.74 6.81
C TRP A 72 -37.97 7.45 6.82
N LYS A 73 -37.46 6.36 6.26
CA LYS A 73 -38.06 5.06 6.53
C LYS A 73 -38.01 4.85 8.06
N ASN A 74 -39.07 4.29 8.63
CA ASN A 74 -39.15 4.07 10.08
C ASN A 74 -38.34 2.90 10.69
N PRO A 75 -37.69 2.04 9.86
CA PRO A 75 -36.73 1.14 10.53
C PRO A 75 -35.46 1.81 11.04
N SER A 76 -35.36 3.14 10.91
CA SER A 76 -34.21 3.91 11.42
C SER A 76 -34.54 4.58 12.74
N ILE A 77 -33.64 4.43 13.71
CA ILE A 77 -33.62 5.22 14.93
C ILE A 77 -32.16 5.75 15.00
N PRO A 78 -31.90 6.90 15.69
CA PRO A 78 -30.48 7.38 15.72
C PRO A 78 -29.57 6.81 16.84
N ASN A 79 -29.92 5.63 17.37
CA ASN A 79 -29.20 4.99 18.51
C ASN A 79 -27.76 4.71 18.15
N SER A 91 -13.43 -8.81 18.68
CA SER A 91 -13.85 -10.22 18.73
C SER A 91 -13.89 -10.90 17.33
N SER A 92 -13.45 -10.16 16.30
CA SER A 92 -13.35 -10.66 14.91
C SER A 92 -12.14 -11.58 14.69
N VAL A 93 -11.05 -11.30 15.41
CA VAL A 93 -9.90 -12.19 15.61
C VAL A 93 -9.33 -12.98 14.40
N PRO A 94 -8.55 -12.29 13.49
CA PRO A 94 -7.68 -12.99 12.54
C PRO A 94 -6.26 -13.08 13.07
N SER A 95 -5.45 -14.00 12.58
CA SER A 95 -3.97 -13.89 12.68
C SER A 95 -3.25 -15.06 12.01
N SER A 96 -1.91 -14.95 11.89
CA SER A 96 -1.06 -15.94 11.20
C SER A 96 -1.25 -15.96 9.67
N LYS A 97 -0.17 -15.70 8.95
CA LYS A 97 -0.24 -15.63 7.49
C LYS A 97 -0.71 -16.95 6.85
N GLU A 98 -0.37 -18.07 7.49
CA GLU A 98 -0.72 -19.39 6.97
C GLU A 98 -2.23 -19.64 7.04
N GLU A 99 -2.83 -19.40 8.20
CA GLU A 99 -4.26 -19.62 8.35
C GLU A 99 -5.07 -18.73 7.42
N LEU A 100 -4.68 -17.46 7.33
CA LEU A 100 -5.39 -16.52 6.49
C LEU A 100 -5.39 -16.97 5.03
N ASP A 101 -4.22 -17.37 4.55
CA ASP A 101 -4.10 -17.87 3.19
C ASP A 101 -4.94 -19.12 3.01
N LYS A 102 -5.00 -19.96 4.04
CA LYS A 102 -5.85 -21.13 4.02
C LYS A 102 -7.33 -20.80 3.87
N GLU A 103 -7.82 -19.82 4.63
CA GLU A 103 -9.25 -19.51 4.72
C GLU A 103 -9.72 -18.46 3.71
N LEU A 104 -8.85 -17.50 3.43
CA LEU A 104 -9.16 -16.36 2.57
C LEU A 104 -8.03 -16.13 1.57
N PRO A 105 -7.80 -17.10 0.70
CA PRO A 105 -6.70 -16.93 -0.23
C PRO A 105 -6.97 -15.77 -1.16
N VAL A 106 -5.90 -15.16 -1.67
CA VAL A 106 -6.01 -14.05 -2.60
C VAL A 106 -5.57 -14.52 -4.00
N LEU A 107 -6.54 -14.55 -4.91
CA LEU A 107 -6.33 -14.99 -6.28
C LEU A 107 -5.93 -13.83 -7.18
N LYS A 108 -5.07 -14.13 -8.17
CA LYS A 108 -4.74 -13.17 -9.19
C LYS A 108 -5.91 -13.11 -10.12
N PRO A 109 -6.50 -11.93 -10.28
CA PRO A 109 -7.57 -11.85 -11.25
C PRO A 109 -7.16 -12.26 -12.68
N TYR A 110 -8.14 -12.77 -13.43
CA TYR A 110 -7.92 -13.24 -14.79
C TYR A 110 -7.20 -12.18 -15.64
N PHE A 111 -7.60 -10.91 -15.48
CA PHE A 111 -7.09 -9.84 -16.34
C PHE A 111 -5.60 -9.53 -16.15
N ILE A 112 -4.94 -10.20 -15.21
CA ILE A 112 -3.49 -10.04 -15.06
C ILE A 112 -2.75 -10.83 -16.16
N THR A 113 -2.93 -12.14 -16.19
CA THR A 113 -2.29 -12.95 -17.24
C THR A 113 -3.11 -12.99 -18.55
N ASN A 114 -4.40 -12.64 -18.50
CA ASN A 114 -5.24 -12.57 -19.71
C ASN A 114 -5.93 -11.22 -19.84
N PRO A 115 -5.14 -10.14 -19.87
CA PRO A 115 -5.82 -8.84 -20.02
C PRO A 115 -6.75 -8.79 -21.23
N GLU A 116 -6.50 -9.61 -22.24
CA GLU A 116 -7.33 -9.61 -23.41
C GLU A 116 -8.74 -10.12 -23.06
N GLU A 117 -9.66 -9.75 -23.94
CA GLU A 117 -10.90 -9.13 -23.53
C GLU A 117 -11.52 -9.48 -22.16
N ALA A 118 -12.13 -8.46 -21.63
CA ALA A 118 -13.42 -8.66 -21.10
C ALA A 118 -14.28 -7.46 -21.40
N GLY A 119 -15.10 -7.09 -20.44
CA GLY A 119 -16.55 -7.26 -20.55
C GLY A 119 -17.21 -7.74 -21.80
N VAL A 120 -18.53 -7.56 -21.80
CA VAL A 120 -19.37 -7.81 -22.96
C VAL A 120 -19.54 -9.31 -23.05
N ARG A 121 -20.18 -9.73 -24.13
CA ARG A 121 -19.99 -11.02 -24.79
C ARG A 121 -21.14 -12.01 -24.68
N GLU A 122 -22.22 -11.74 -25.43
CA GLU A 122 -22.52 -10.41 -25.99
C GLU A 122 -23.52 -9.79 -25.03
N ALA A 123 -24.07 -10.66 -24.19
CA ALA A 123 -25.21 -10.37 -23.34
C ALA A 123 -24.77 -10.62 -21.90
N GLY A 124 -23.81 -9.81 -21.42
CA GLY A 124 -23.20 -9.90 -20.06
C GLY A 124 -23.03 -11.32 -19.52
N LEU A 125 -22.64 -11.52 -18.27
CA LEU A 125 -22.30 -10.49 -17.29
C LEU A 125 -21.21 -11.09 -16.42
N ARG A 126 -20.12 -10.35 -16.21
CA ARG A 126 -19.03 -10.87 -15.42
C ARG A 126 -18.67 -9.98 -14.25
N VAL A 127 -18.48 -10.61 -13.10
CA VAL A 127 -18.04 -9.89 -11.95
C VAL A 127 -16.74 -10.42 -11.37
N THR A 128 -15.98 -9.50 -10.78
CA THR A 128 -14.74 -9.85 -10.10
C THR A 128 -14.77 -9.19 -8.71
N TRP A 129 -14.62 -9.97 -7.65
CA TRP A 129 -14.55 -9.41 -6.29
C TRP A 129 -13.16 -8.95 -5.97
N LEU A 130 -13.00 -7.64 -5.79
CA LEU A 130 -11.70 -7.10 -5.45
C LEU A 130 -11.58 -6.80 -3.96
N GLY A 131 -12.46 -7.34 -3.17
CA GLY A 131 -12.32 -7.14 -1.74
C GLY A 131 -13.31 -6.11 -1.27
N HIS A 132 -13.67 -6.29 -0.01
CA HIS A 132 -14.62 -5.45 0.64
C HIS A 132 -15.84 -5.17 -0.21
N ALA A 133 -16.13 -3.90 -0.52
CA ALA A 133 -17.28 -3.56 -1.36
C ALA A 133 -16.83 -3.11 -2.75
N THR A 134 -15.58 -3.46 -3.12
CA THR A 134 -15.05 -3.13 -4.43
C THR A 134 -15.35 -4.30 -5.36
N VAL A 135 -16.26 -4.11 -6.29
CA VAL A 135 -16.39 -5.12 -7.33
C VAL A 135 -16.22 -4.52 -8.72
N MET A 136 -15.65 -5.32 -9.61
CA MET A 136 -15.54 -4.92 -11.02
C MET A 136 -16.60 -5.69 -11.83
N VAL A 137 -17.35 -4.96 -12.66
CA VAL A 137 -18.50 -5.53 -13.31
C VAL A 137 -18.40 -5.27 -14.78
N GLU A 138 -18.60 -6.32 -15.54
CA GLU A 138 -18.55 -6.26 -16.97
C GLU A 138 -19.92 -6.66 -17.53
N MET A 139 -20.55 -5.73 -18.25
CA MET A 139 -21.83 -6.00 -18.89
C MET A 139 -22.09 -4.99 -19.98
N ASP A 140 -22.83 -5.43 -21.00
CA ASP A 140 -23.35 -4.52 -22.03
C ASP A 140 -22.32 -3.47 -22.48
N GLU A 141 -21.09 -3.94 -22.71
CA GLU A 141 -20.01 -3.13 -23.31
C GLU A 141 -19.34 -2.17 -22.35
N LEU A 142 -19.66 -2.28 -21.08
CA LEU A 142 -19.03 -1.44 -20.07
C LEU A 142 -18.31 -2.32 -19.09
N ILE A 143 -17.26 -1.75 -18.51
CA ILE A 143 -16.66 -2.26 -17.30
C ILE A 143 -16.71 -1.12 -16.30
N PHE A 144 -17.30 -1.39 -15.13
CA PHE A 144 -17.35 -0.39 -14.07
C PHE A 144 -16.92 -0.96 -12.74
N LEU A 145 -16.68 -0.05 -11.80
CA LEU A 145 -16.04 -0.37 -10.56
C LEU A 145 -16.86 0.23 -9.43
N THR A 146 -17.15 -0.55 -8.38
CA THR A 146 -17.85 0.03 -7.24
C THR A 146 -16.88 0.38 -6.11
N ASP A 147 -17.22 1.37 -5.30
CA ASP A 147 -16.53 1.69 -4.04
C ASP A 147 -15.06 1.15 -3.97
N PRO A 148 -14.19 1.68 -4.85
CA PRO A 148 -12.85 1.11 -5.05
C PRO A 148 -11.85 1.57 -3.98
N ILE A 149 -11.33 0.59 -3.23
CA ILE A 149 -10.35 0.90 -2.25
C ILE A 149 -9.21 -0.05 -2.44
N PHE A 150 -8.13 0.50 -3.00
CA PHE A 150 -6.92 -0.26 -3.27
C PHE A 150 -5.81 0.03 -2.25
N SER A 151 -6.09 0.86 -1.26
CA SER A 151 -5.12 1.17 -0.22
C SER A 151 -5.23 0.19 0.92
N SER A 152 -4.27 0.23 1.81
CA SER A 152 -4.16 -0.75 2.88
C SER A 152 -5.12 -0.36 3.99
N ARG A 153 -5.17 0.95 4.25
CA ARG A 153 -5.88 1.50 5.40
C ARG A 153 -7.14 2.35 5.01
N ALA A 154 -8.29 2.05 5.58
CA ALA A 154 -9.47 2.93 5.39
C ALA A 154 -9.54 4.04 6.48
N SER A 155 -8.87 5.15 6.22
CA SER A 155 -8.67 6.12 7.27
C SER A 155 -8.16 7.43 6.70
N PRO A 156 -8.51 8.54 7.34
CA PRO A 156 -7.89 9.79 6.96
C PRO A 156 -6.46 9.86 7.45
N SER A 157 -6.05 8.92 8.30
CA SER A 157 -4.69 8.93 8.86
C SER A 157 -3.85 7.72 8.43
N GLN A 158 -2.57 7.91 8.32
CA GLN A 158 -1.61 6.84 8.18
C GLN A 158 -1.43 6.00 9.44
N TYR A 159 -1.79 6.57 10.59
CA TYR A 159 -1.24 6.15 11.87
C TYR A 159 -2.24 5.32 12.66
N MET A 160 -3.50 5.43 12.29
CA MET A 160 -4.51 4.77 13.01
C MET A 160 -5.76 4.66 12.14
N GLY A 161 -6.60 3.67 12.44
CA GLY A 161 -7.74 3.29 11.59
C GLY A 161 -7.56 1.91 10.97
N PRO A 162 -8.62 1.37 10.39
CA PRO A 162 -8.60 -0.04 10.06
C PRO A 162 -7.74 -0.41 8.86
N LYS A 163 -6.80 -1.32 9.08
CA LYS A 163 -5.95 -1.85 8.04
C LYS A 163 -6.59 -3.12 7.51
N ARG A 164 -6.70 -3.27 6.19
CA ARG A 164 -7.15 -4.53 5.61
C ARG A 164 -6.22 -5.69 5.99
N PHE A 165 -6.80 -6.87 6.18
CA PHE A 165 -6.00 -8.07 6.47
C PHE A 165 -5.93 -9.05 5.28
N ARG A 166 -6.58 -8.71 4.19
CA ARG A 166 -6.32 -9.36 2.91
C ARG A 166 -5.93 -8.26 1.95
N ARG A 167 -4.78 -8.42 1.26
CA ARG A 167 -4.28 -7.40 0.32
C ARG A 167 -5.24 -7.28 -0.82
N SER A 168 -5.25 -6.11 -1.46
CA SER A 168 -5.99 -5.94 -2.71
C SER A 168 -5.49 -6.93 -3.73
N PRO A 169 -6.37 -7.59 -4.47
CA PRO A 169 -5.85 -8.63 -5.41
C PRO A 169 -5.12 -8.11 -6.68
N CYS A 170 -5.27 -6.82 -6.96
CA CYS A 170 -4.52 -6.25 -8.03
C CYS A 170 -4.23 -4.82 -7.74
N THR A 171 -3.39 -4.18 -8.55
CA THR A 171 -3.20 -2.75 -8.42
C THR A 171 -4.07 -2.06 -9.44
N ILE A 172 -4.19 -0.77 -9.29
CA ILE A 172 -4.94 0.05 -10.23
C ILE A 172 -4.29 0.06 -11.60
N SER A 173 -2.97 -0.16 -11.69
CA SER A 173 -2.29 -0.26 -13.00
C SER A 173 -2.75 -1.42 -13.85
N GLU A 174 -3.36 -2.45 -13.25
N GLU A 174 -3.25 -2.49 -13.22
CA GLU A 174 -4.17 -3.45 -13.99
CA GLU A 174 -3.35 -3.82 -13.85
C GLU A 174 -5.61 -2.95 -13.97
C GLU A 174 -4.71 -4.17 -14.45
N LEU A 175 -6.46 -3.32 -14.92
N LEU A 175 -5.79 -3.56 -13.98
CA LEU A 175 -7.83 -2.76 -15.03
CA LEU A 175 -7.07 -3.91 -14.56
C LEU A 175 -8.01 -2.06 -16.38
C LEU A 175 -7.22 -3.26 -15.90
N PRO A 176 -9.26 -1.87 -16.86
N PRO A 176 -8.24 -3.72 -16.62
CA PRO A 176 -9.63 -0.70 -17.69
CA PRO A 176 -8.73 -3.31 -17.92
C PRO A 176 -11.13 -0.20 -17.69
C PRO A 176 -9.15 -1.82 -17.90
N PRO A 177 -11.66 0.35 -16.55
N PRO A 177 -9.28 -1.19 -19.08
CA PRO A 177 -13.04 0.87 -16.36
CA PRO A 177 -9.90 0.14 -19.06
C PRO A 177 -13.57 1.87 -17.39
C PRO A 177 -11.26 0.15 -18.31
N ILE A 178 -14.49 1.40 -18.23
N ILE A 178 -11.52 1.22 -17.57
CA ILE A 178 -14.95 2.13 -19.44
CA ILE A 178 -12.74 1.45 -16.79
C ILE A 178 -16.47 2.26 -19.33
C ILE A 178 -12.90 2.95 -16.91
N ASP A 179 -16.94 3.38 -18.81
N ASP A 179 -14.03 3.58 -17.23
CA ASP A 179 -16.10 4.50 -18.41
CA ASP A 179 -15.23 3.16 -17.95
C ASP A 179 -16.45 4.93 -17.00
C ASP A 179 -16.37 3.61 -17.08
N ALA A 180 -16.62 3.99 -16.06
N ALA A 180 -16.20 3.49 -15.77
CA ALA A 180 -17.34 4.33 -14.82
CA ALA A 180 -17.06 4.19 -14.83
C ALA A 180 -16.95 3.72 -13.45
C ALA A 180 -16.91 3.67 -13.41
N VAL A 181 -17.07 4.56 -12.42
CA VAL A 181 -17.14 4.13 -11.06
C VAL A 181 -18.38 4.66 -10.38
N LEU A 182 -18.80 3.85 -9.41
CA LEU A 182 -20.00 4.01 -8.62
C LEU A 182 -19.62 4.10 -7.13
N ILE A 183 -20.01 5.20 -6.49
CA ILE A 183 -19.72 5.42 -5.07
C ILE A 183 -21.04 5.37 -4.33
N SER A 184 -21.14 4.53 -3.32
CA SER A 184 -22.42 4.35 -2.59
C SER A 184 -22.59 5.42 -1.53
N HIS A 185 -21.50 5.70 -0.82
CA HIS A 185 -21.46 6.75 0.17
C HIS A 185 -20.00 7.17 0.36
N ASN A 186 -19.75 8.27 1.08
CA ASN A 186 -18.37 8.65 1.46
C ASN A 186 -18.13 7.69 2.59
N HIS A 187 -17.07 7.72 3.33
CA HIS A 187 -16.82 6.66 4.36
C HIS A 187 -15.61 5.95 3.82
N TYR A 188 -14.62 5.86 4.69
CA TYR A 188 -13.26 5.71 4.23
C TYR A 188 -13.07 4.36 3.60
N ASP A 189 -13.91 3.40 3.98
CA ASP A 189 -13.77 2.03 3.45
C ASP A 189 -14.46 1.87 2.07
N HIS A 190 -15.18 2.90 1.65
CA HIS A 190 -15.79 2.93 0.29
C HIS A 190 -15.27 4.02 -0.61
N LEU A 191 -14.97 5.18 -0.02
CA LEU A 191 -14.41 6.32 -0.74
C LEU A 191 -12.99 6.55 -0.26
N ASP A 192 -12.02 6.08 -1.04
CA ASP A 192 -10.60 6.09 -0.66
C ASP A 192 -9.82 7.05 -1.55
N TYR A 193 -9.42 8.18 -0.97
CA TYR A 193 -8.72 9.25 -1.66
C TYR A 193 -7.57 8.77 -2.52
N ASN A 194 -6.70 7.94 -1.96
CA ASN A 194 -5.57 7.46 -2.76
C ASN A 194 -5.98 6.64 -3.97
N SER A 195 -7.07 5.91 -3.85
CA SER A 195 -7.58 5.14 -4.99
C SER A 195 -8.16 6.09 -6.05
N VAL A 196 -8.84 7.14 -5.58
CA VAL A 196 -9.46 8.08 -6.49
C VAL A 196 -8.41 8.80 -7.29
N ILE A 197 -7.42 9.33 -6.58
CA ILE A 197 -6.29 9.96 -7.22
C ILE A 197 -5.70 9.00 -8.25
N ALA A 198 -5.42 7.76 -7.85
CA ALA A 198 -4.69 6.89 -8.75
C ALA A 198 -5.50 6.60 -10.02
N LEU A 199 -6.78 6.36 -9.83
CA LEU A 199 -7.68 6.11 -10.95
C LEU A 199 -7.76 7.31 -11.87
N ASN A 200 -7.89 8.49 -11.27
CA ASN A 200 -8.02 9.71 -12.03
C ASN A 200 -6.71 10.12 -12.69
N GLU A 201 -5.57 9.76 -12.11
CA GLU A 201 -4.27 9.95 -12.76
C GLU A 201 -4.20 9.05 -13.96
N ARG A 202 -4.73 7.84 -13.86
CA ARG A 202 -4.58 6.88 -14.95
C ARG A 202 -5.48 7.14 -16.17
N PHE A 203 -6.79 7.11 -15.95
CA PHE A 203 -7.80 7.49 -16.94
C PHE A 203 -8.03 8.92 -16.56
N GLY A 204 -8.75 9.72 -17.33
CA GLY A 204 -9.02 11.06 -16.79
C GLY A 204 -10.47 11.39 -16.94
N ASN A 205 -10.69 12.30 -17.89
CA ASN A 205 -11.97 12.48 -18.54
C ASN A 205 -12.60 11.19 -18.98
N GLU A 206 -11.79 10.21 -19.40
CA GLU A 206 -12.32 8.96 -19.96
C GLU A 206 -13.00 8.06 -18.94
N LEU A 207 -12.98 8.49 -17.67
CA LEU A 207 -13.66 7.76 -16.63
C LEU A 207 -14.73 8.65 -15.99
N ARG A 208 -15.99 8.19 -16.03
CA ARG A 208 -17.10 8.92 -15.41
C ARG A 208 -17.43 8.36 -14.00
N TRP A 209 -17.59 9.27 -13.05
CA TRP A 209 -17.80 8.92 -11.68
C TRP A 209 -19.24 9.23 -11.36
N PHE A 210 -19.98 8.23 -10.88
CA PHE A 210 -21.34 8.45 -10.41
C PHE A 210 -21.32 8.45 -8.91
N VAL A 211 -21.78 9.54 -8.31
CA VAL A 211 -21.70 9.73 -6.86
C VAL A 211 -22.98 10.30 -6.24
N PRO A 212 -23.16 10.14 -4.93
CA PRO A 212 -24.36 10.68 -4.29
C PRO A 212 -24.40 12.19 -4.27
N LEU A 213 -25.60 12.72 -4.24
CA LEU A 213 -25.80 14.12 -4.10
C LEU A 213 -24.91 14.63 -2.98
N GLY A 214 -24.21 15.73 -3.23
CA GLY A 214 -23.39 16.37 -2.21
C GLY A 214 -21.91 16.07 -2.28
N LEU A 215 -21.48 15.14 -3.13
CA LEU A 215 -20.06 14.76 -3.27
C LEU A 215 -19.35 15.36 -4.47
N LEU A 216 -20.08 16.01 -5.37
CA LEU A 216 -19.50 16.54 -6.62
C LEU A 216 -18.23 17.33 -6.37
N ASP A 217 -18.34 18.30 -5.46
CA ASP A 217 -17.23 19.15 -5.14
C ASP A 217 -16.02 18.39 -4.67
N TRP A 218 -16.23 17.47 -3.73
CA TRP A 218 -15.15 16.67 -3.19
C TRP A 218 -14.40 15.98 -4.34
N MET A 219 -15.14 15.40 -5.27
CA MET A 219 -14.53 14.71 -6.41
C MET A 219 -13.81 15.71 -7.33
N GLN A 220 -14.43 16.86 -7.50
CA GLN A 220 -13.83 17.88 -8.36
C GLN A 220 -12.49 18.31 -7.85
N LYS A 221 -12.36 18.38 -6.53
CA LYS A 221 -11.11 18.81 -5.90
C LYS A 221 -10.07 17.74 -5.95
N CYS A 222 -10.47 16.48 -6.08
CA CYS A 222 -9.51 15.42 -6.33
C CYS A 222 -8.95 15.54 -7.73
N GLY A 223 -9.56 16.38 -8.57
CA GLY A 223 -9.15 16.55 -9.96
C GLY A 223 -10.03 15.82 -10.96
N CYS A 224 -11.04 15.10 -10.45
CA CYS A 224 -12.06 14.42 -11.30
C CYS A 224 -12.97 15.40 -12.02
N GLU A 225 -12.91 15.37 -13.36
CA GLU A 225 -13.64 16.30 -14.23
C GLU A 225 -14.95 15.72 -14.81
N ASN A 226 -15.09 14.40 -14.84
CA ASN A 226 -16.25 13.74 -15.44
C ASN A 226 -17.05 13.03 -14.34
N VAL A 227 -17.90 13.82 -13.70
CA VAL A 227 -18.54 13.42 -12.47
C VAL A 227 -19.99 13.79 -12.50
N ILE A 228 -20.85 12.84 -12.18
CA ILE A 228 -22.26 13.13 -12.05
C ILE A 228 -22.73 12.82 -10.63
N GLU A 229 -23.46 13.78 -10.08
CA GLU A 229 -23.99 13.81 -8.72
C GLU A 229 -25.51 13.50 -8.76
N LEU A 230 -26.03 12.58 -7.96
CA LEU A 230 -27.46 12.19 -8.09
C LEU A 230 -28.28 12.07 -6.79
N ASP A 231 -29.51 12.63 -6.79
CA ASP A 231 -30.49 12.40 -5.71
C ASP A 231 -31.09 11.03 -5.99
N TRP A 232 -31.88 10.47 -5.08
CA TRP A 232 -32.32 9.15 -5.43
C TRP A 232 -33.51 9.04 -6.33
N TRP A 233 -33.44 7.99 -7.15
CA TRP A 233 -34.31 7.78 -8.32
C TRP A 233 -33.91 8.65 -9.51
N GLU A 234 -32.83 9.44 -9.38
CA GLU A 234 -32.26 10.15 -10.53
C GLU A 234 -31.36 9.21 -11.31
N GLU A 235 -31.25 9.50 -12.60
CA GLU A 235 -30.67 8.55 -13.56
C GLU A 235 -29.77 9.26 -14.56
N ASN A 236 -28.80 8.52 -15.08
CA ASN A 236 -27.87 9.05 -16.08
C ASN A 236 -27.15 7.86 -16.68
N CYS A 237 -26.32 8.13 -17.69
CA CYS A 237 -25.58 7.09 -18.41
C CYS A 237 -24.18 7.54 -18.69
N VAL A 238 -23.40 6.69 -19.34
CA VAL A 238 -22.08 7.06 -19.82
C VAL A 238 -22.24 7.49 -21.27
N PRO A 239 -21.67 8.67 -21.65
CA PRO A 239 -21.96 9.32 -22.93
C PRO A 239 -21.87 8.44 -24.18
N GLY A 240 -20.87 7.57 -24.22
CA GLY A 240 -20.73 6.69 -25.37
C GLY A 240 -21.80 5.61 -25.45
N HIS A 241 -22.40 5.28 -24.31
CA HIS A 241 -23.18 4.05 -24.13
C HIS A 241 -24.53 4.40 -23.48
N ASP A 242 -25.34 5.15 -24.22
CA ASP A 242 -26.65 5.63 -23.75
C ASP A 242 -27.69 4.53 -23.52
N LYS A 243 -27.39 3.30 -23.95
CA LYS A 243 -28.30 2.16 -23.75
C LYS A 243 -28.28 1.62 -22.32
N VAL A 244 -27.40 2.17 -21.48
CA VAL A 244 -27.20 1.68 -20.12
C VAL A 244 -27.42 2.80 -19.08
N THR A 245 -28.51 2.66 -18.30
CA THR A 245 -28.96 3.67 -17.34
C THR A 245 -28.43 3.35 -15.94
N PHE A 246 -27.86 4.36 -15.29
CA PHE A 246 -27.39 4.21 -13.94
C PHE A 246 -28.36 4.99 -13.08
N VAL A 247 -28.91 4.32 -12.08
CA VAL A 247 -29.89 4.95 -11.24
C VAL A 247 -29.40 4.86 -9.84
N PHE A 248 -29.39 6.00 -9.17
CA PHE A 248 -29.03 6.03 -7.76
C PHE A 248 -30.31 5.74 -7.01
N THR A 249 -30.28 4.69 -6.19
CA THR A 249 -31.44 4.25 -5.48
C THR A 249 -31.21 4.37 -4.00
N PRO A 250 -32.29 4.27 -3.21
CA PRO A 250 -32.14 4.47 -1.80
C PRO A 250 -31.39 3.35 -1.09
N SER A 251 -31.06 3.62 0.17
CA SER A 251 -30.45 2.66 1.07
C SER A 251 -30.66 3.24 2.46
N GLN A 252 -30.50 2.42 3.50
CA GLN A 252 -30.54 2.94 4.87
C GLN A 252 -29.18 2.91 5.50
N HIS A 253 -28.53 4.08 5.53
CA HIS A 253 -27.14 4.22 6.01
C HIS A 253 -26.86 5.69 6.41
N TRP A 254 -25.61 6.12 6.38
CA TRP A 254 -25.28 7.47 6.79
C TRP A 254 -23.96 7.86 6.15
N CYS A 255 -23.58 9.13 6.30
CA CYS A 255 -22.31 9.63 5.77
C CYS A 255 -21.55 10.49 6.82
N LYS A 256 -20.23 10.43 6.77
CA LYS A 256 -19.38 11.23 7.65
C LYS A 256 -17.93 11.04 7.23
N ARG A 257 -17.20 12.12 6.98
CA ARG A 257 -15.72 12.02 6.80
C ARG A 257 -14.92 12.84 7.83
N THR A 258 -15.53 13.85 8.44
CA THR A 258 -14.79 14.72 9.35
C THR A 258 -15.60 14.98 10.60
N LEU A 259 -15.45 16.14 11.19
CA LEU A 259 -16.21 16.54 12.34
C LEU A 259 -17.42 17.39 11.93
N MET A 260 -18.58 17.08 12.46
CA MET A 260 -19.73 17.90 12.10
C MET A 260 -20.04 17.93 10.56
N ASP A 261 -19.64 16.93 9.76
CA ASP A 261 -20.15 16.81 8.39
C ASP A 261 -21.21 15.67 8.24
N ASP A 262 -21.72 15.20 9.37
CA ASP A 262 -22.57 14.03 9.36
C ASP A 262 -23.69 14.26 8.39
N ASN A 263 -23.82 13.36 7.42
CA ASN A 263 -24.92 13.40 6.47
C ASN A 263 -25.06 14.72 5.69
N LYS A 264 -23.95 15.38 5.38
CA LYS A 264 -23.96 16.47 4.37
C LYS A 264 -23.97 15.88 2.95
N VAL A 265 -23.60 14.61 2.82
CA VAL A 265 -23.67 13.89 1.55
C VAL A 265 -24.57 12.65 1.65
N LEU A 266 -25.30 12.37 0.57
CA LEU A 266 -26.22 11.27 0.53
C LEU A 266 -25.47 9.93 0.57
N TRP A 267 -26.20 8.86 0.95
CA TRP A 267 -25.76 7.46 0.84
C TRP A 267 -26.80 6.75 -0.01
N GLY A 268 -26.46 5.65 -0.67
CA GLY A 268 -27.46 4.99 -1.52
C GLY A 268 -26.98 3.69 -2.08
N SER A 269 -27.79 3.13 -2.96
CA SER A 269 -27.44 1.94 -3.74
C SER A 269 -27.45 2.36 -5.18
N TRP A 270 -27.01 1.46 -6.06
CA TRP A 270 -27.01 1.72 -7.51
C TRP A 270 -27.70 0.56 -8.26
N SER A 271 -28.63 0.93 -9.13
CA SER A 271 -29.28 0.00 -10.03
C SER A 271 -28.78 0.31 -11.42
N VAL A 272 -28.20 -0.69 -12.10
CA VAL A 272 -27.63 -0.47 -13.44
C VAL A 272 -28.39 -1.28 -14.45
N LEU A 273 -29.05 -0.56 -15.34
CA LEU A 273 -29.98 -1.11 -16.30
C LEU A 273 -29.46 -1.06 -17.74
N GLY A 274 -29.05 -2.23 -18.26
CA GLY A 274 -28.59 -2.37 -19.65
C GLY A 274 -29.59 -3.12 -20.51
N PRO A 275 -29.35 -3.16 -21.83
CA PRO A 275 -30.21 -3.93 -22.74
C PRO A 275 -30.31 -5.43 -22.43
N TRP A 276 -29.22 -6.05 -21.99
CA TRP A 276 -29.19 -7.50 -21.75
C TRP A 276 -29.17 -7.87 -20.27
N ASN A 277 -28.68 -6.97 -19.43
CA ASN A 277 -28.47 -7.27 -18.02
C ASN A 277 -28.83 -6.13 -17.10
N ARG A 278 -29.09 -6.49 -15.84
CA ARG A 278 -29.40 -5.53 -14.81
C ARG A 278 -28.69 -5.90 -13.54
N PHE A 279 -27.94 -4.97 -12.99
CA PHE A 279 -27.10 -5.25 -11.84
C PHE A 279 -27.46 -4.31 -10.71
N PHE A 280 -27.58 -4.85 -9.49
CA PHE A 280 -27.85 -4.05 -8.28
C PHE A 280 -26.69 -4.08 -7.29
N PHE A 281 -26.36 -2.90 -6.76
CA PHE A 281 -25.26 -2.76 -5.82
C PHE A 281 -25.79 -2.05 -4.59
N ALA A 282 -25.88 -2.80 -3.51
CA ALA A 282 -26.55 -2.34 -2.30
C ALA A 282 -25.82 -1.18 -1.56
N GLY A 283 -24.50 -1.14 -1.65
CA GLY A 283 -23.75 -0.19 -0.83
C GLY A 283 -23.68 -0.75 0.58
N ASP A 284 -23.57 0.12 1.57
CA ASP A 284 -23.81 -0.24 2.97
C ASP A 284 -25.27 0.08 3.25
N THR A 285 -25.95 -0.77 3.99
CA THR A 285 -27.34 -0.51 4.43
C THR A 285 -27.62 -1.45 5.62
N GLY A 286 -28.63 -1.29 6.43
CA GLY A 286 -29.64 -2.34 6.37
C GLY A 286 -31.01 -1.85 6.41
N TYR A 287 -31.93 -2.58 7.03
CA TYR A 287 -32.80 -3.40 6.27
C TYR A 287 -33.92 -2.37 6.30
N CYS A 288 -34.44 -1.99 5.12
CA CYS A 288 -35.57 -1.05 5.02
C CYS A 288 -36.54 -1.47 3.90
N PRO A 289 -37.71 -0.80 3.78
CA PRO A 289 -38.45 -0.95 2.52
C PRO A 289 -37.47 -0.38 1.52
N ALA A 290 -37.88 -0.01 0.33
CA ALA A 290 -36.88 0.57 -0.60
C ALA A 290 -36.30 -0.54 -1.42
N PHE A 291 -35.75 -1.56 -0.77
CA PHE A 291 -35.33 -2.73 -1.51
C PHE A 291 -36.51 -3.34 -2.23
N GLU A 292 -37.68 -3.26 -1.61
CA GLU A 292 -38.88 -3.71 -2.24
C GLU A 292 -39.32 -2.71 -3.29
N GLU A 293 -39.08 -1.43 -3.02
CA GLU A 293 -39.39 -0.38 -4.00
C GLU A 293 -38.55 -0.53 -5.25
N ILE A 294 -37.30 -0.91 -5.05
CA ILE A 294 -36.35 -1.05 -6.13
C ILE A 294 -36.73 -2.28 -6.92
N GLY A 295 -36.91 -3.39 -6.19
CA GLY A 295 -37.29 -4.64 -6.80
C GLY A 295 -38.47 -4.47 -7.71
N LYS A 296 -39.45 -3.68 -7.30
CA LYS A 296 -40.68 -3.49 -8.08
C LYS A 296 -40.53 -2.51 -9.24
N ARG A 297 -39.74 -1.45 -9.05
CA ARG A 297 -39.62 -0.43 -10.09
C ARG A 297 -38.72 -0.91 -11.22
N PHE A 298 -37.54 -1.41 -10.87
CA PHE A 298 -36.64 -2.07 -11.82
C PHE A 298 -36.86 -3.53 -11.50
N GLY A 299 -35.99 -4.44 -11.91
CA GLY A 299 -36.21 -5.84 -11.55
C GLY A 299 -37.17 -6.56 -12.48
N PRO A 300 -36.93 -7.85 -12.72
CA PRO A 300 -35.91 -8.66 -12.07
C PRO A 300 -34.51 -8.18 -12.42
N PHE A 301 -33.58 -8.37 -11.49
CA PHE A 301 -32.16 -8.13 -11.70
C PHE A 301 -31.48 -9.44 -11.97
N ASP A 302 -30.37 -9.37 -12.67
CA ASP A 302 -29.54 -10.52 -12.98
C ASP A 302 -28.54 -10.84 -11.87
N LEU A 303 -27.92 -9.80 -11.30
CA LEU A 303 -27.01 -10.00 -10.19
C LEU A 303 -27.08 -8.81 -9.28
N ALA A 304 -26.95 -9.09 -7.98
CA ALA A 304 -26.89 -8.07 -6.93
C ALA A 304 -25.74 -8.30 -5.99
N ALA A 305 -25.00 -7.25 -5.68
CA ALA A 305 -23.91 -7.34 -4.72
C ALA A 305 -24.40 -6.73 -3.41
N ILE A 306 -24.33 -7.53 -2.35
CA ILE A 306 -25.04 -7.25 -1.10
C ILE A 306 -24.13 -7.53 0.10
N PRO A 307 -24.05 -6.58 1.03
CA PRO A 307 -23.10 -6.77 2.13
C PRO A 307 -23.58 -7.80 3.10
N ILE A 308 -22.63 -8.54 3.66
CA ILE A 308 -22.97 -9.52 4.66
C ILE A 308 -22.09 -9.42 5.89
N GLY A 309 -21.19 -8.44 5.96
CA GLY A 309 -20.37 -8.25 7.16
C GLY A 309 -20.59 -6.89 7.86
N ALA A 310 -19.98 -6.77 9.03
CA ALA A 310 -20.03 -5.57 9.87
C ALA A 310 -21.40 -5.41 10.60
N TYR A 311 -21.90 -6.49 11.20
CA TYR A 311 -23.28 -6.50 11.69
C TYR A 311 -23.39 -6.67 13.19
N GLU A 312 -22.32 -7.11 13.85
CA GLU A 312 -22.30 -7.39 15.28
C GLU A 312 -21.60 -6.24 16.05
N PRO A 313 -22.20 -5.77 17.16
CA PRO A 313 -23.39 -6.30 17.84
C PRO A 313 -24.68 -5.72 17.26
N ARG A 314 -25.69 -6.58 17.12
CA ARG A 314 -26.96 -6.21 16.49
C ARG A 314 -27.64 -4.99 17.06
N TRP A 315 -27.68 -4.86 18.38
CA TRP A 315 -28.38 -3.75 19.02
C TRP A 315 -27.86 -2.38 18.59
N PHE A 316 -26.61 -2.29 18.20
CA PHE A 316 -26.07 -1.03 17.71
C PHE A 316 -26.06 -0.92 16.18
N MET A 317 -25.73 -2.02 15.50
CA MET A 317 -25.40 -1.97 14.08
C MET A 317 -26.59 -2.15 13.15
N LYS A 318 -27.69 -2.72 13.66
CA LYS A 318 -28.77 -3.15 12.81
C LYS A 318 -29.40 -2.03 12.00
N TYR A 319 -29.34 -0.79 12.46
CA TYR A 319 -29.99 0.30 11.75
C TYR A 319 -29.19 0.67 10.53
N GLN A 320 -27.90 0.36 10.54
CA GLN A 320 -27.02 0.78 9.47
C GLN A 320 -26.35 -0.37 8.71
N HIS A 321 -26.50 -1.61 9.18
CA HIS A 321 -25.85 -2.76 8.56
C HIS A 321 -26.67 -4.02 8.64
N VAL A 322 -27.12 -4.53 7.51
CA VAL A 322 -27.76 -5.86 7.53
C VAL A 322 -26.85 -6.96 8.12
N ASP A 323 -27.45 -7.98 8.72
CA ASP A 323 -26.70 -9.22 8.92
C ASP A 323 -27.04 -10.15 7.75
N PRO A 324 -26.40 -11.31 7.68
CA PRO A 324 -26.61 -12.18 6.52
C PRO A 324 -28.08 -12.53 6.27
N GLU A 325 -28.82 -12.67 7.36
CA GLU A 325 -30.24 -13.02 7.24
C GLU A 325 -30.85 -11.86 6.47
N GLU A 326 -30.60 -10.63 6.90
CA GLU A 326 -31.25 -9.48 6.28
C GLU A 326 -30.76 -9.28 4.87
N ALA A 327 -29.50 -9.66 4.62
CA ALA A 327 -28.92 -9.68 3.30
C ALA A 327 -29.79 -10.50 2.33
N VAL A 328 -30.19 -11.69 2.77
CA VAL A 328 -31.01 -12.57 1.93
C VAL A 328 -32.40 -11.97 1.75
N ARG A 329 -32.94 -11.25 2.76
CA ARG A 329 -34.25 -10.58 2.57
C ARG A 329 -34.15 -9.50 1.47
N ILE A 330 -33.00 -8.83 1.40
CA ILE A 330 -32.76 -7.86 0.35
C ILE A 330 -32.72 -8.56 -1.01
N HIS A 331 -32.02 -9.69 -1.05
CA HIS A 331 -31.96 -10.51 -2.26
C HIS A 331 -33.32 -10.84 -2.77
N THR A 332 -34.21 -11.25 -1.88
CA THR A 332 -35.57 -11.49 -2.26
C THR A 332 -36.22 -10.19 -2.66
N ASP A 333 -36.11 -9.15 -1.83
CA ASP A 333 -36.95 -7.96 -2.03
C ASP A 333 -36.64 -7.30 -3.36
N VAL A 334 -35.37 -7.37 -3.73
CA VAL A 334 -34.87 -6.72 -4.93
C VAL A 334 -35.14 -7.56 -6.22
N GLN A 335 -35.57 -8.81 -6.05
CA GLN A 335 -35.94 -9.70 -7.13
C GLN A 335 -34.78 -10.01 -8.08
N THR A 336 -33.60 -10.20 -7.52
CA THR A 336 -32.48 -10.63 -8.34
C THR A 336 -32.50 -12.12 -8.51
N LYS A 337 -32.07 -12.59 -9.67
CA LYS A 337 -31.85 -14.01 -9.91
C LYS A 337 -30.71 -14.52 -9.05
N LYS A 338 -29.69 -13.71 -8.85
CA LYS A 338 -28.52 -14.16 -8.08
C LYS A 338 -27.91 -13.03 -7.29
N SER A 339 -27.17 -13.35 -6.22
CA SER A 339 -26.43 -12.33 -5.48
C SER A 339 -25.04 -12.77 -5.10
N MET A 340 -24.22 -11.76 -4.83
CA MET A 340 -22.84 -11.98 -4.44
C MET A 340 -22.61 -11.23 -3.13
N ALA A 341 -21.91 -11.87 -2.20
CA ALA A 341 -21.60 -11.29 -0.88
C ALA A 341 -20.47 -10.29 -1.02
N ILE A 342 -20.68 -9.08 -0.52
CA ILE A 342 -19.59 -8.10 -0.40
C ILE A 342 -19.54 -7.54 1.02
N HIS A 343 -18.71 -6.52 1.25
CA HIS A 343 -18.32 -6.11 2.61
C HIS A 343 -17.75 -7.42 3.18
N TRP A 344 -17.56 -7.61 4.46
CA TRP A 344 -16.92 -8.90 4.87
C TRP A 344 -15.52 -9.32 4.36
N GLY A 345 -14.80 -9.97 5.27
CA GLY A 345 -13.60 -10.71 4.93
C GLY A 345 -12.36 -9.92 4.62
N THR A 346 -12.40 -8.62 4.85
CA THR A 346 -11.35 -7.75 4.32
C THR A 346 -10.83 -6.75 5.36
N PHE A 347 -11.76 -6.01 5.97
CA PHE A 347 -11.46 -5.18 7.13
C PHE A 347 -12.27 -5.64 8.34
N ALA A 348 -11.71 -5.46 9.52
CA ALA A 348 -12.43 -5.70 10.78
C ALA A 348 -13.11 -4.41 11.22
N LEU A 349 -14.38 -4.28 10.90
CA LEU A 349 -15.19 -3.08 11.13
C LEU A 349 -16.28 -3.24 12.20
N ALA A 350 -16.36 -4.43 12.81
CA ALA A 350 -17.37 -4.73 13.81
C ALA A 350 -16.89 -5.95 14.60
N ASN A 351 -17.76 -6.66 15.27
CA ASN A 351 -17.27 -7.62 16.25
C ASN A 351 -17.39 -9.09 15.89
N GLU A 352 -17.97 -9.40 14.73
CA GLU A 352 -18.15 -10.77 14.40
C GLU A 352 -16.82 -11.40 13.97
N HIS A 353 -16.62 -12.65 14.37
CA HIS A 353 -15.56 -13.46 13.87
C HIS A 353 -15.45 -13.26 12.37
N TYR A 354 -14.24 -13.00 11.89
CA TYR A 354 -14.03 -12.65 10.47
C TYR A 354 -14.60 -13.68 9.48
N LEU A 355 -14.69 -14.97 9.85
CA LEU A 355 -15.28 -16.02 8.99
C LEU A 355 -16.78 -16.29 9.19
N GLU A 356 -17.40 -15.55 10.12
CA GLU A 356 -18.82 -15.82 10.48
C GLU A 356 -19.81 -15.47 9.38
N PRO A 357 -19.56 -14.38 8.66
CA PRO A 357 -20.64 -13.98 7.75
C PRO A 357 -21.01 -15.02 6.71
N PRO A 358 -20.04 -15.71 6.11
CA PRO A 358 -20.47 -16.77 5.17
C PRO A 358 -21.25 -17.92 5.79
N VAL A 359 -20.90 -18.30 7.02
CA VAL A 359 -21.64 -19.34 7.73
C VAL A 359 -23.11 -18.94 7.94
N LYS A 360 -23.30 -17.69 8.37
CA LYS A 360 -24.64 -17.18 8.66
C LYS A 360 -25.44 -16.96 7.39
N LEU A 361 -24.75 -16.63 6.30
CA LEU A 361 -25.39 -16.56 5.00
C LEU A 361 -26.04 -17.90 4.64
N ASN A 362 -25.28 -18.97 4.80
CA ASN A 362 -25.79 -20.25 4.41
C ASN A 362 -26.95 -20.69 5.30
N GLU A 363 -26.94 -20.27 6.57
CA GLU A 363 -28.00 -20.63 7.48
C GLU A 363 -29.28 -19.94 7.07
N ALA A 364 -29.18 -18.67 6.69
CA ALA A 364 -30.31 -17.92 6.16
C ALA A 364 -30.86 -18.55 4.87
N LEU A 365 -29.97 -18.83 3.95
CA LEU A 365 -30.36 -19.40 2.69
C LEU A 365 -31.12 -20.66 2.92
N GLU A 366 -30.62 -21.48 3.83
CA GLU A 366 -31.29 -22.73 4.08
C GLU A 366 -32.68 -22.46 4.65
N ARG A 367 -32.78 -21.48 5.53
CA ARG A 367 -34.06 -21.16 6.16
C ARG A 367 -35.09 -20.61 5.18
N TYR A 368 -34.63 -19.89 4.16
CA TYR A 368 -35.54 -19.24 3.20
C TYR A 368 -35.86 -20.11 1.99
N GLY A 369 -35.35 -21.34 1.99
CA GLY A 369 -35.56 -22.30 0.91
C GLY A 369 -34.73 -22.03 -0.31
N LEU A 370 -33.52 -21.50 -0.11
CA LEU A 370 -32.61 -21.14 -1.18
C LEU A 370 -31.25 -21.83 -1.01
N ASN A 371 -30.33 -21.51 -1.92
CA ASN A 371 -29.16 -22.29 -2.14
C ASN A 371 -27.94 -21.46 -2.40
N ALA A 372 -26.75 -21.99 -2.16
CA ALA A 372 -25.50 -21.25 -2.45
C ALA A 372 -25.48 -20.74 -3.90
N GLU A 373 -26.03 -21.54 -4.81
CA GLU A 373 -26.16 -21.15 -6.19
C GLU A 373 -26.81 -19.77 -6.35
N ASP A 374 -27.76 -19.46 -5.47
CA ASP A 374 -28.52 -18.20 -5.52
C ASP A 374 -27.76 -16.98 -4.98
N PHE A 375 -26.96 -17.21 -3.96
CA PHE A 375 -26.26 -16.15 -3.26
C PHE A 375 -24.91 -16.73 -2.83
N PHE A 376 -23.89 -16.38 -3.62
CA PHE A 376 -22.60 -17.03 -3.52
C PHE A 376 -21.60 -16.02 -2.94
N VAL A 377 -20.54 -16.56 -2.37
CA VAL A 377 -19.42 -15.81 -1.87
C VAL A 377 -18.17 -16.21 -2.65
N LEU A 378 -17.44 -15.21 -3.13
CA LEU A 378 -16.24 -15.44 -3.93
C LEU A 378 -15.03 -15.38 -3.03
N LYS A 379 -13.94 -15.92 -3.53
CA LYS A 379 -12.66 -15.65 -2.94
C LYS A 379 -12.21 -14.28 -3.41
N HIS A 380 -11.26 -13.72 -2.69
CA HIS A 380 -10.67 -12.47 -3.13
C HIS A 380 -9.99 -12.65 -4.49
N GLY A 381 -10.40 -11.80 -5.42
CA GLY A 381 -9.84 -11.80 -6.76
C GLY A 381 -10.47 -12.76 -7.73
N GLU A 382 -11.47 -13.51 -7.27
CA GLU A 382 -12.16 -14.49 -8.11
C GLU A 382 -13.16 -13.75 -8.96
N SER A 383 -13.48 -14.37 -10.09
CA SER A 383 -14.48 -13.84 -11.00
C SER A 383 -15.60 -14.88 -11.18
N ARG A 384 -16.73 -14.40 -11.67
CA ARG A 384 -17.84 -15.26 -11.98
C ARG A 384 -18.56 -14.76 -13.22
N TYR A 385 -18.80 -15.65 -14.17
CA TYR A 385 -19.55 -15.29 -15.36
C TYR A 385 -21.01 -15.74 -15.22
N LEU A 386 -21.94 -14.86 -15.60
CA LEU A 386 -23.34 -15.16 -15.52
C LEU A 386 -23.93 -15.01 -16.88
N ASN A 387 -24.30 -16.15 -17.45
CA ASN A 387 -24.82 -16.20 -18.79
C ASN A 387 -26.32 -15.87 -18.72
N ASN A 388 -26.82 -15.15 -19.72
CA ASN A 388 -28.18 -14.60 -19.67
C ASN A 388 -29.29 -15.65 -19.85
N SER B 57 44.94 6.21 15.10
CA SER B 57 44.37 7.49 14.58
C SER B 57 42.91 7.66 15.00
N LYS B 58 42.53 8.88 15.37
CA LYS B 58 41.22 9.17 15.92
C LYS B 58 40.18 9.31 14.79
N LYS B 59 38.91 9.58 15.16
CA LYS B 59 37.82 9.76 14.17
C LYS B 59 36.88 10.88 14.55
N GLY B 60 36.20 11.49 13.56
CA GLY B 60 35.08 12.37 13.85
C GLY B 60 34.26 11.56 14.81
N LYS B 61 34.17 12.02 16.03
CA LYS B 61 33.41 11.33 17.07
C LYS B 61 32.45 12.35 17.58
N ASP B 62 31.19 12.30 17.13
CA ASP B 62 30.31 13.48 17.28
C ASP B 62 29.04 13.25 18.12
N GLY B 63 28.60 14.32 18.80
CA GLY B 63 28.93 15.76 18.57
C GLY B 63 27.66 16.69 18.65
N ARG B 64 27.62 17.67 19.55
CA ARG B 64 26.40 18.49 19.74
C ARG B 64 26.61 20.01 19.87
N PHE B 65 25.57 20.81 19.57
CA PHE B 65 25.64 22.29 19.72
C PHE B 65 25.32 22.76 21.14
N VAL B 66 24.58 21.94 21.89
CA VAL B 66 23.85 22.36 23.09
C VAL B 66 22.40 22.22 22.64
N ASN B 67 22.02 20.98 22.36
CA ASN B 67 20.70 20.66 21.89
C ASN B 67 20.85 19.57 20.74
N PRO B 68 20.37 19.81 19.49
CA PRO B 68 20.76 19.02 18.35
C PRO B 68 22.24 18.65 18.09
N TRP B 69 22.41 17.61 17.27
CA TRP B 69 23.72 17.16 16.83
C TRP B 69 23.99 17.94 15.59
N PRO B 70 25.28 18.29 15.33
CA PRO B 70 25.61 18.78 14.02
C PRO B 70 26.65 17.87 13.44
N THR B 71 26.91 18.07 12.16
CA THR B 71 27.85 17.26 11.45
C THR B 71 29.37 17.47 11.94
N TRP B 72 29.85 18.68 12.10
CA TRP B 72 31.27 18.93 12.55
C TRP B 72 32.43 18.73 11.56
N LYS B 73 32.33 17.81 10.68
CA LYS B 73 33.24 17.83 9.53
C LYS B 73 32.95 19.17 8.77
N ASN B 74 34.01 19.77 8.23
CA ASN B 74 33.90 21.03 7.50
C ASN B 74 33.43 20.99 6.03
N PRO B 75 33.21 19.79 5.44
CA PRO B 75 32.41 19.86 4.21
C PRO B 75 30.91 20.18 4.40
N SER B 76 30.45 20.44 5.64
CA SER B 76 29.04 20.86 5.91
C SER B 76 28.94 22.37 6.07
N ILE B 77 27.96 22.95 5.38
CA ILE B 77 27.49 24.33 5.60
C ILE B 77 25.94 24.20 5.76
N PRO B 78 25.27 25.12 6.52
CA PRO B 78 23.80 24.93 6.66
C PRO B 78 22.90 25.54 5.54
N ASN B 79 23.47 25.70 4.33
CA ASN B 79 22.76 26.33 3.19
C ASN B 79 21.55 25.50 2.76
N SER B 91 11.77 17.95 -12.54
CA SER B 91 12.56 17.65 -13.74
C SER B 91 13.04 16.18 -13.81
N SER B 92 12.60 15.37 -12.84
CA SER B 92 12.88 13.92 -12.81
C SER B 92 12.05 13.12 -13.83
N VAL B 93 10.82 13.58 -14.06
CA VAL B 93 9.94 13.18 -15.18
C VAL B 93 9.84 11.68 -15.57
N PRO B 94 9.11 10.86 -14.75
CA PRO B 94 8.65 9.55 -15.22
C PRO B 94 7.23 9.67 -15.81
N SER B 95 6.81 8.69 -16.62
CA SER B 95 5.37 8.40 -16.82
C SER B 95 5.14 7.22 -17.76
N SER B 96 3.87 6.79 -17.87
CA SER B 96 3.47 5.61 -18.68
C SER B 96 3.92 4.29 -18.04
N LYS B 97 2.96 3.42 -17.77
CA LYS B 97 3.27 2.13 -17.16
C LYS B 97 4.24 1.31 -18.05
N GLU B 98 4.06 1.38 -19.37
CA GLU B 98 4.85 0.58 -20.31
C GLU B 98 6.33 0.96 -20.26
N GLU B 99 6.63 2.26 -20.33
CA GLU B 99 8.02 2.72 -20.29
C GLU B 99 8.69 2.34 -18.97
N LEU B 100 7.98 2.53 -17.87
CA LEU B 100 8.55 2.25 -16.57
C LEU B 100 8.96 0.79 -16.44
N ASP B 101 8.08 -0.09 -16.90
CA ASP B 101 8.33 -1.50 -16.84
C ASP B 101 9.48 -1.82 -17.74
N LYS B 102 9.59 -1.13 -18.87
CA LYS B 102 10.74 -1.31 -19.77
C LYS B 102 12.09 -0.93 -19.10
N GLU B 103 12.12 0.19 -18.35
CA GLU B 103 13.35 0.75 -17.85
C GLU B 103 13.66 0.31 -16.43
N LEU B 104 12.62 0.15 -15.63
CA LEU B 104 12.78 -0.22 -14.27
C LEU B 104 11.84 -1.36 -13.91
N PRO B 105 12.01 -2.52 -14.53
CA PRO B 105 11.13 -3.62 -14.21
C PRO B 105 11.23 -4.01 -12.74
N VAL B 106 10.13 -4.53 -12.19
CA VAL B 106 10.10 -4.97 -10.79
C VAL B 106 10.03 -6.48 -10.78
N LEU B 107 11.08 -7.10 -10.28
CA LEU B 107 11.23 -8.55 -10.25
C LEU B 107 10.67 -9.12 -8.93
N LYS B 108 10.14 -10.35 -9.00
CA LYS B 108 9.75 -11.11 -7.82
C LYS B 108 11.01 -11.61 -7.16
N PRO B 109 11.26 -11.24 -5.94
CA PRO B 109 12.44 -11.79 -5.32
C PRO B 109 12.42 -13.32 -5.20
N TYR B 110 13.60 -13.92 -5.19
CA TYR B 110 13.78 -15.36 -5.18
C TYR B 110 13.00 -15.96 -4.06
N PHE B 111 12.98 -15.30 -2.90
CA PHE B 111 12.33 -15.92 -1.73
C PHE B 111 10.83 -16.10 -1.84
N ILE B 112 10.19 -15.53 -2.85
CA ILE B 112 8.76 -15.80 -3.07
C ILE B 112 8.53 -17.25 -3.52
N THR B 113 9.08 -17.65 -4.67
CA THR B 113 8.86 -19.02 -5.13
C THR B 113 9.87 -20.02 -4.53
N ASN B 114 11.00 -19.52 -4.03
CA ASN B 114 11.95 -20.39 -3.33
C ASN B 114 12.23 -19.89 -1.93
N PRO B 115 11.20 -19.80 -1.10
CA PRO B 115 11.53 -19.36 0.28
C PRO B 115 12.65 -20.21 0.95
N GLU B 116 12.86 -21.43 0.46
CA GLU B 116 13.84 -22.30 1.11
C GLU B 116 15.25 -21.83 0.80
N GLU B 117 16.17 -22.29 1.63
CA GLU B 117 17.09 -21.35 2.26
C GLU B 117 17.58 -19.97 1.60
N ALA B 118 17.72 -19.01 2.50
CA ALA B 118 18.89 -18.19 2.42
C ALA B 118 19.08 -17.82 3.83
N GLY B 119 19.79 -16.77 4.18
CA GLY B 119 21.20 -16.54 3.88
C GLY B 119 22.16 -17.64 4.20
N VAL B 120 23.37 -17.20 4.63
CA VAL B 120 24.46 -18.06 5.07
C VAL B 120 25.09 -18.59 3.78
N ARG B 121 26.02 -19.51 3.94
CA ARG B 121 26.30 -20.59 2.99
C ARG B 121 27.68 -20.51 2.27
N GLU B 122 28.73 -20.81 3.03
CA GLU B 122 28.69 -20.80 4.52
C GLU B 122 29.29 -19.46 4.92
N ALA B 123 29.92 -18.84 3.91
CA ALA B 123 30.76 -17.71 4.07
C ALA B 123 30.15 -16.64 3.17
N GLY B 124 28.96 -16.14 3.60
CA GLY B 124 28.17 -15.05 2.92
C GLY B 124 28.33 -15.09 1.42
N LEU B 125 27.82 -14.08 0.71
CA LEU B 125 27.00 -12.99 1.18
C LEU B 125 25.96 -12.73 0.10
N ARG B 126 24.70 -12.59 0.46
CA ARG B 126 23.69 -12.30 -0.54
C ARG B 126 22.85 -11.05 -0.24
N VAL B 127 22.59 -10.27 -1.26
CA VAL B 127 21.84 -9.05 -1.16
C VAL B 127 20.69 -8.99 -2.12
N THR B 128 19.62 -8.39 -1.67
CA THR B 128 18.43 -8.21 -2.48
C THR B 128 18.06 -6.74 -2.39
N TRP B 129 17.91 -6.07 -3.54
CA TRP B 129 17.45 -4.69 -3.54
C TRP B 129 15.93 -4.65 -3.52
N LEU B 130 15.36 -4.11 -2.45
CA LEU B 130 13.93 -3.98 -2.35
C LEU B 130 13.48 -2.59 -2.68
N GLY B 131 14.30 -1.80 -3.34
CA GLY B 131 13.90 -0.44 -3.71
C GLY B 131 14.46 0.59 -2.79
N HIS B 132 14.66 1.78 -3.34
CA HIS B 132 15.16 2.88 -2.57
C HIS B 132 16.35 2.45 -1.75
N ALA B 133 16.32 2.64 -0.42
CA ALA B 133 17.46 2.33 0.43
C ALA B 133 17.19 1.08 1.26
N THR B 134 16.20 0.31 0.84
CA THR B 134 15.81 -0.90 1.55
C THR B 134 16.57 -2.05 0.92
N VAL B 135 17.53 -2.59 1.65
CA VAL B 135 18.17 -3.79 1.16
C VAL B 135 18.11 -4.93 2.14
N MET B 136 17.93 -6.15 1.61
CA MET B 136 17.95 -7.33 2.46
C MET B 136 19.32 -7.97 2.30
N VAL B 137 19.95 -8.30 3.42
CA VAL B 137 21.30 -8.81 3.40
C VAL B 137 21.39 -10.13 4.15
N GLU B 138 22.08 -11.10 3.56
CA GLU B 138 22.22 -12.43 4.13
C GLU B 138 23.69 -12.71 4.28
N MET B 139 24.15 -12.82 5.52
CA MET B 139 25.53 -13.16 5.76
C MET B 139 25.69 -13.71 7.12
N ASP B 140 26.69 -14.57 7.26
CA ASP B 140 27.11 -15.11 8.55
C ASP B 140 25.93 -15.47 9.48
N GLU B 141 24.94 -16.14 8.91
CA GLU B 141 23.82 -16.73 9.64
C GLU B 141 22.75 -15.76 10.04
N LEU B 142 22.83 -14.54 9.52
CA LEU B 142 21.79 -13.59 9.77
C LEU B 142 21.22 -13.12 8.48
N ILE B 143 19.96 -12.72 8.54
CA ILE B 143 19.36 -11.91 7.49
C ILE B 143 18.94 -10.59 8.12
N PHE B 144 19.32 -9.45 7.54
CA PHE B 144 18.88 -8.18 8.12
C PHE B 144 18.42 -7.27 7.03
N LEU B 145 17.71 -6.22 7.45
CA LEU B 145 17.01 -5.34 6.53
C LEU B 145 17.43 -3.88 6.83
N THR B 146 17.78 -3.10 5.83
CA THR B 146 18.06 -1.70 6.05
C THR B 146 16.87 -0.81 5.72
N ASP B 147 16.73 0.33 6.41
CA ASP B 147 15.73 1.38 6.08
C ASP B 147 14.50 0.88 5.29
N PRO B 148 13.71 0.00 5.89
CA PRO B 148 12.66 -0.70 5.16
C PRO B 148 11.45 0.13 4.95
N ILE B 149 11.09 0.40 3.69
CA ILE B 149 9.86 1.12 3.45
C ILE B 149 9.10 0.33 2.42
N PHE B 150 8.02 -0.29 2.86
CA PHE B 150 7.14 -1.09 2.03
C PHE B 150 5.85 -0.36 1.67
N SER B 151 5.69 0.87 2.14
CA SER B 151 4.48 1.66 1.81
C SER B 151 4.65 2.43 0.53
N SER B 152 3.57 2.98 0.05
CA SER B 152 3.59 3.67 -1.22
C SER B 152 4.20 5.10 -1.07
N ARG B 153 3.83 5.76 0.01
CA ARG B 153 4.08 7.16 0.19
C ARG B 153 5.00 7.39 1.35
N ALA B 154 6.09 8.13 1.13
CA ALA B 154 7.01 8.49 2.21
C ALA B 154 6.58 9.86 2.82
N SER B 155 5.68 9.82 3.79
CA SER B 155 5.04 11.02 4.26
C SER B 155 4.29 10.79 5.55
N PRO B 156 4.20 11.82 6.39
CA PRO B 156 3.34 11.71 7.54
C PRO B 156 1.86 11.82 7.12
N SER B 157 1.60 12.21 5.87
CA SER B 157 0.22 12.32 5.41
C SER B 157 -0.15 11.32 4.33
N GLN B 158 -1.42 10.99 4.23
CA GLN B 158 -1.98 10.21 3.14
C GLN B 158 -2.13 11.05 1.88
N TYR B 159 -2.18 12.37 2.08
CA TYR B 159 -2.78 13.25 1.11
C TYR B 159 -1.76 13.97 0.25
N MET B 160 -0.52 13.98 0.73
CA MET B 160 0.51 14.71 0.06
C MET B 160 1.85 14.20 0.56
N GLY B 161 2.86 14.32 -0.28
CA GLY B 161 4.19 13.72 0.01
C GLY B 161 4.54 12.70 -1.06
N PRO B 162 5.80 12.33 -1.16
CA PRO B 162 6.23 11.58 -2.34
C PRO B 162 5.72 10.13 -2.37
N LYS B 163 5.06 9.81 -3.47
CA LYS B 163 4.63 8.43 -3.79
C LYS B 163 5.69 7.75 -4.64
N ARG B 164 6.16 6.58 -4.23
CA ARG B 164 7.01 5.75 -5.06
C ARG B 164 6.37 5.47 -6.41
N PHE B 165 7.20 5.48 -7.45
CA PHE B 165 6.73 5.13 -8.80
C PHE B 165 7.12 3.70 -9.22
N ARG B 166 7.86 2.98 -8.37
CA ARG B 166 8.05 1.56 -8.56
C ARG B 166 7.59 0.89 -7.26
N ARG B 167 6.64 -0.05 -7.37
CA ARG B 167 6.04 -0.74 -6.20
C ARG B 167 7.12 -1.50 -5.49
N SER B 168 6.95 -1.68 -4.19
CA SER B 168 7.82 -2.55 -3.44
C SER B 168 7.76 -3.92 -4.08
N PRO B 169 8.91 -4.60 -4.21
CA PRO B 169 8.84 -5.92 -4.92
C PRO B 169 8.20 -7.05 -4.13
N CYS B 170 8.03 -6.87 -2.83
CA CYS B 170 7.34 -7.87 -2.05
C CYS B 170 6.61 -7.25 -0.87
N THR B 171 5.81 -8.02 -0.19
CA THR B 171 5.18 -7.55 1.03
C THR B 171 5.98 -8.04 2.20
N ILE B 172 5.70 -7.46 3.35
CA ILE B 172 6.36 -7.84 4.54
C ILE B 172 6.00 -9.29 4.88
N SER B 173 4.81 -9.77 4.51
CA SER B 173 4.46 -11.18 4.77
C SER B 173 5.37 -12.20 4.12
N GLU B 174 6.12 -11.82 3.08
N GLU B 174 6.01 -11.84 3.01
CA GLU B 174 7.31 -12.59 2.63
CA GLU B 174 6.61 -12.79 2.07
C GLU B 174 8.54 -12.06 3.38
C GLU B 174 8.11 -13.05 2.19
N LEU B 175 9.63 -12.81 3.55
N LEU B 175 8.85 -12.16 2.81
CA LEU B 175 10.78 -12.36 4.36
CA LEU B 175 10.25 -12.47 2.97
C LEU B 175 10.95 -13.31 5.54
C LEU B 175 10.46 -13.45 4.08
N PRO B 176 12.15 -13.33 6.18
N PRO B 176 11.66 -14.00 4.13
CA PRO B 176 12.31 -13.63 7.62
CA PRO B 176 12.24 -14.88 5.10
C PRO B 176 13.57 -13.07 8.39
C PRO B 176 12.26 -14.28 6.54
N PRO B 177 13.70 -11.72 8.62
N PRO B 177 12.36 -15.13 7.59
CA PRO B 177 14.83 -10.99 9.29
CA PRO B 177 12.55 -14.53 8.91
C PRO B 177 15.28 -11.43 10.69
C PRO B 177 13.68 -13.47 8.90
N ILE B 178 16.44 -12.10 10.75
N ILE B 178 13.49 -12.41 9.68
CA ILE B 178 16.88 -12.88 11.93
CA ILE B 178 14.45 -11.30 9.83
C ILE B 178 18.25 -12.33 12.26
C ILE B 178 14.26 -10.90 11.26
N ASP B 179 18.30 -11.38 13.18
N ASP B 179 15.22 -10.72 12.16
CA ASP B 179 17.11 -10.90 13.88
CA ASP B 179 16.60 -11.17 12.29
C ASP B 179 17.09 -9.38 13.81
C ASP B 179 17.37 -9.90 12.61
N ALA B 180 17.29 -8.77 12.64
N ALA B 180 16.99 -8.79 12.00
CA ALA B 180 17.66 -7.34 12.62
CA ALA B 180 17.43 -7.47 12.45
C ALA B 180 17.23 -6.40 11.49
C ALA B 180 17.21 -6.37 11.42
N VAL B 181 16.96 -5.16 11.88
CA VAL B 181 16.80 -4.03 10.96
C VAL B 181 17.73 -2.90 11.41
N LEU B 182 18.19 -2.15 10.41
CA LEU B 182 19.14 -1.08 10.54
C LEU B 182 18.45 0.16 10.01
N ILE B 183 18.41 1.19 10.83
CA ILE B 183 17.86 2.48 10.46
C ILE B 183 19.00 3.48 10.43
N SER B 184 19.14 4.19 9.30
CA SER B 184 20.26 5.14 9.13
C SER B 184 19.93 6.49 9.73
N HIS B 185 18.74 6.96 9.45
CA HIS B 185 18.23 8.18 10.02
C HIS B 185 16.72 8.18 10.08
N ASN B 186 16.08 9.13 10.76
CA ASN B 186 14.58 9.20 10.69
C ASN B 186 14.39 9.86 9.37
N HIS B 187 13.23 10.21 8.93
CA HIS B 187 13.12 10.75 7.51
C HIS B 187 12.29 9.74 6.80
N TYR B 188 11.20 10.23 6.23
CA TYR B 188 10.09 9.41 5.95
C TYR B 188 10.41 8.34 4.93
N ASP B 189 11.43 8.56 4.10
CA ASP B 189 11.73 7.62 3.04
C ASP B 189 12.64 6.48 3.50
N HIS B 190 13.08 6.56 4.76
CA HIS B 190 13.90 5.53 5.41
C HIS B 190 13.28 4.92 6.66
N LEU B 191 12.57 5.73 7.43
CA LEU B 191 11.84 5.27 8.60
C LEU B 191 10.38 5.41 8.29
N ASP B 192 9.76 4.27 7.98
CA ASP B 192 8.35 4.23 7.58
C ASP B 192 7.47 3.54 8.65
N TYR B 193 6.66 4.33 9.32
CA TYR B 193 5.82 3.86 10.37
C TYR B 193 5.08 2.57 10.02
N ASN B 194 4.34 2.61 8.93
CA ASN B 194 3.53 1.45 8.58
C ASN B 194 4.39 0.19 8.36
N SER B 195 5.62 0.34 7.87
CA SER B 195 6.52 -0.78 7.74
C SER B 195 7.05 -1.27 9.11
N VAL B 196 7.26 -0.34 10.01
CA VAL B 196 7.72 -0.71 11.34
C VAL B 196 6.65 -1.51 12.07
N ILE B 197 5.45 -0.95 12.11
CA ILE B 197 4.30 -1.60 12.70
C ILE B 197 4.13 -3.00 12.11
N ALA B 198 4.19 -3.12 10.78
CA ALA B 198 3.92 -4.42 10.15
C ALA B 198 5.01 -5.43 10.51
N LEU B 199 6.27 -4.99 10.53
CA LEU B 199 7.40 -5.87 10.89
C LEU B 199 7.27 -6.29 12.33
N ASN B 200 6.94 -5.35 13.18
CA ASN B 200 6.85 -5.66 14.61
C ASN B 200 5.67 -6.54 14.91
N GLU B 201 4.57 -6.37 14.17
CA GLU B 201 3.39 -7.23 14.32
C GLU B 201 3.78 -8.63 13.93
N ARG B 202 4.59 -8.78 12.90
CA ARG B 202 4.91 -10.11 12.43
C ARG B 202 5.94 -10.81 13.34
N PHE B 203 7.15 -10.27 13.43
CA PHE B 203 8.15 -10.82 14.35
C PHE B 203 7.88 -10.01 15.55
N GLY B 204 8.46 -10.29 16.70
CA GLY B 204 8.24 -9.25 17.75
C GLY B 204 9.56 -8.94 18.36
N ASN B 205 9.69 -9.42 19.60
CA ASN B 205 10.94 -9.63 20.26
C ASN B 205 11.99 -10.30 19.44
N GLU B 206 11.58 -11.19 18.55
CA GLU B 206 12.55 -11.92 17.74
C GLU B 206 13.34 -11.07 16.74
N LEU B 207 12.93 -9.82 16.59
CA LEU B 207 13.55 -8.94 15.67
C LEU B 207 14.16 -7.77 16.46
N ARG B 208 15.48 -7.61 16.32
CA ARG B 208 16.23 -6.56 17.00
C ARG B 208 16.39 -5.38 16.05
N TRP B 209 16.08 -4.16 16.54
CA TRP B 209 16.20 -2.95 15.75
C TRP B 209 17.40 -2.10 16.20
N PHE B 210 18.33 -1.84 15.26
CA PHE B 210 19.49 -0.98 15.53
C PHE B 210 19.21 0.38 14.98
N VAL B 211 19.22 1.39 15.83
CA VAL B 211 18.83 2.74 15.43
C VAL B 211 19.80 3.82 15.95
N PRO B 212 19.74 5.04 15.39
CA PRO B 212 20.62 6.11 15.88
C PRO B 212 20.25 6.60 17.26
N LEU B 213 21.23 7.11 17.98
CA LEU B 213 20.96 7.80 19.23
C LEU B 213 19.78 8.72 19.07
N GLY B 214 18.84 8.64 20.01
CA GLY B 214 17.68 9.53 20.03
C GLY B 214 16.40 8.91 19.48
N LEU B 215 16.48 7.74 18.86
CA LEU B 215 15.30 7.09 18.26
C LEU B 215 14.68 5.96 19.09
N LEU B 216 15.33 5.58 20.18
CA LEU B 216 14.84 4.50 21.02
C LEU B 216 13.35 4.70 21.36
N ASP B 217 13.03 5.82 21.97
CA ASP B 217 11.69 6.08 22.43
C ASP B 217 10.66 5.95 21.32
N TRP B 218 10.95 6.56 20.18
CA TRP B 218 10.05 6.53 19.01
C TRP B 218 9.73 5.10 18.67
N MET B 219 10.76 4.26 18.67
CA MET B 219 10.58 2.85 18.34
C MET B 219 9.77 2.14 19.40
N GLN B 220 10.06 2.47 20.66
CA GLN B 220 9.35 1.86 21.77
C GLN B 220 7.85 2.14 21.69
N LYS B 221 7.51 3.32 21.20
CA LYS B 221 6.11 3.70 21.12
C LYS B 221 5.43 3.05 19.97
N CYS B 222 6.20 2.60 18.99
CA CYS B 222 5.64 1.77 17.94
C CYS B 222 5.29 0.37 18.46
N GLY B 223 5.76 0.03 19.67
CA GLY B 223 5.59 -1.30 20.24
C GLY B 223 6.81 -2.19 20.06
N CYS B 224 7.89 -1.70 19.43
CA CYS B 224 9.18 -2.43 19.39
C CYS B 224 9.88 -2.57 20.75
N GLU B 225 10.12 -3.81 21.17
CA GLU B 225 10.69 -4.10 22.48
C GLU B 225 12.16 -4.50 22.48
N ASN B 226 12.71 -4.83 21.32
CA ASN B 226 14.10 -5.28 21.21
C ASN B 226 14.82 -4.31 20.33
N VAL B 227 15.29 -3.24 20.95
CA VAL B 227 15.81 -2.08 20.26
C VAL B 227 17.10 -1.62 20.89
N ILE B 228 18.11 -1.36 20.09
CA ILE B 228 19.31 -0.75 20.60
C ILE B 228 19.58 0.56 19.86
N GLU B 229 19.91 1.56 20.62
CA GLU B 229 20.15 2.93 20.22
C GLU B 229 21.67 3.16 20.26
N LEU B 230 22.29 3.76 19.24
CA LEU B 230 23.77 3.92 19.25
C LEU B 230 24.35 5.26 18.80
N ASP B 231 25.35 5.78 19.56
CA ASP B 231 26.15 6.97 19.17
C ASP B 231 27.16 6.47 18.17
N TRP B 232 27.93 7.34 17.52
CA TRP B 232 28.78 6.72 16.55
C TRP B 232 30.06 6.14 17.03
N TRP B 233 30.46 5.07 16.33
CA TRP B 233 31.52 4.16 16.74
C TRP B 233 31.10 3.23 17.88
N GLU B 234 29.84 3.31 18.32
CA GLU B 234 29.33 2.34 19.28
C GLU B 234 28.90 1.05 18.56
N GLU B 235 28.91 -0.04 19.30
CA GLU B 235 28.79 -1.36 18.67
C GLU B 235 27.93 -2.29 19.49
N ASN B 236 27.29 -3.23 18.83
CA ASN B 236 26.47 -4.21 19.50
C ASN B 236 26.24 -5.37 18.54
N CYS B 237 25.58 -6.41 19.02
CA CYS B 237 25.30 -7.58 18.19
C CYS B 237 23.88 -8.05 18.41
N VAL B 238 23.49 -9.11 17.70
CA VAL B 238 22.24 -9.80 17.95
C VAL B 238 22.55 -10.93 18.93
N PRO B 239 21.75 -11.07 19.99
CA PRO B 239 22.08 -11.97 21.11
C PRO B 239 22.46 -13.37 20.72
N GLY B 240 21.75 -13.96 19.79
CA GLY B 240 22.09 -15.33 19.42
C GLY B 240 23.45 -15.45 18.72
N HIS B 241 23.88 -14.36 18.09
CA HIS B 241 24.90 -14.37 17.06
C HIS B 241 25.97 -13.32 17.41
N ASP B 242 26.66 -13.57 18.52
CA ASP B 242 27.67 -12.63 19.04
C ASP B 242 28.92 -12.47 18.17
N LYS B 243 29.06 -13.31 17.15
CA LYS B 243 30.20 -13.23 16.24
C LYS B 243 30.07 -12.09 15.22
N VAL B 244 28.91 -11.43 15.22
CA VAL B 244 28.64 -10.42 14.22
C VAL B 244 28.35 -9.08 14.92
N THR B 245 29.23 -8.11 14.70
CA THR B 245 29.22 -6.79 15.33
C THR B 245 28.59 -5.77 14.42
N PHE B 246 27.65 -5.02 14.95
CA PHE B 246 27.02 -3.97 14.20
C PHE B 246 27.56 -2.68 14.77
N VAL B 247 28.10 -1.84 13.90
CA VAL B 247 28.66 -0.60 14.34
C VAL B 247 27.96 0.54 13.66
N PHE B 248 27.53 1.50 14.46
CA PHE B 248 26.98 2.71 13.91
C PHE B 248 28.15 3.64 13.61
N THR B 249 28.24 4.09 12.39
CA THR B 249 29.35 4.90 11.97
C THR B 249 28.84 6.23 11.44
N PRO B 250 29.74 7.18 11.28
CA PRO B 250 29.28 8.50 10.90
C PRO B 250 28.79 8.60 9.47
N SER B 251 28.16 9.71 9.19
CA SER B 251 27.68 10.06 7.87
C SER B 251 27.45 11.58 7.90
N GLN B 252 27.37 12.21 6.74
CA GLN B 252 27.01 13.61 6.69
C GLN B 252 25.60 13.83 6.17
N HIS B 253 24.68 13.99 7.09
CA HIS B 253 23.25 14.15 6.78
C HIS B 253 22.51 14.91 7.93
N TRP B 254 21.21 14.74 8.04
CA TRP B 254 20.42 15.42 9.03
C TRP B 254 19.15 14.60 9.31
N CYS B 255 18.40 15.02 10.33
CA CYS B 255 17.17 14.36 10.73
C CYS B 255 16.05 15.36 11.01
N LYS B 256 14.83 14.96 10.69
CA LYS B 256 13.64 15.78 10.94
C LYS B 256 12.44 14.96 10.60
N ARG B 257 11.46 14.90 11.50
CA ARG B 257 10.15 14.32 11.18
C ARG B 257 9.01 15.29 11.37
N THR B 258 9.17 16.31 12.21
CA THR B 258 8.04 17.22 12.48
C THR B 258 8.53 18.64 12.42
N LEU B 259 8.00 19.53 13.25
CA LEU B 259 8.37 20.90 13.28
C LEU B 259 9.35 21.08 14.42
N MET B 260 10.39 21.86 14.22
CA MET B 260 11.31 22.08 15.31
C MET B 260 11.79 20.75 15.99
N ASP B 261 11.97 19.64 15.27
CA ASP B 261 12.69 18.49 15.83
C ASP B 261 13.99 18.22 15.06
N ASP B 262 14.42 19.21 14.29
CA ASP B 262 15.59 19.06 13.44
C ASP B 262 16.75 18.54 14.26
N ASN B 263 17.28 17.40 13.84
CA ASN B 263 18.48 16.88 14.44
C ASN B 263 18.40 16.56 15.92
N LYS B 264 17.21 16.19 16.39
CA LYS B 264 17.05 15.66 17.74
C LYS B 264 17.51 14.23 17.81
N VAL B 265 17.55 13.57 16.64
CA VAL B 265 18.01 12.19 16.50
C VAL B 265 19.24 12.14 15.53
N LEU B 266 20.22 11.32 15.85
CA LEU B 266 21.40 11.20 15.00
C LEU B 266 21.06 10.59 13.61
N TRP B 267 21.99 10.74 12.67
CA TRP B 267 21.96 10.10 11.35
C TRP B 267 23.29 9.37 11.20
N GLY B 268 23.41 8.35 10.36
CA GLY B 268 24.69 7.67 10.28
C GLY B 268 24.69 6.61 9.18
N SER B 269 25.74 5.79 9.21
CA SER B 269 25.90 4.63 8.36
C SER B 269 26.07 3.41 9.29
N TRP B 270 26.06 2.21 8.71
CA TRP B 270 26.24 0.97 9.50
C TRP B 270 27.33 0.10 8.89
N SER B 271 28.25 -0.31 9.75
CA SER B 271 29.28 -1.25 9.36
C SER B 271 28.97 -2.55 10.05
N VAL B 272 28.86 -3.63 9.28
CA VAL B 272 28.51 -4.92 9.87
C VAL B 272 29.64 -5.91 9.70
N LEU B 273 30.23 -6.31 10.81
CA LEU B 273 31.45 -7.12 10.83
C LEU B 273 31.16 -8.55 11.29
N GLY B 274 31.16 -9.48 10.33
CA GLY B 274 31.01 -10.92 10.61
C GLY B 274 32.32 -11.68 10.45
N PRO B 275 32.34 -12.97 10.83
CA PRO B 275 33.54 -13.79 10.69
C PRO B 275 34.02 -13.99 9.25
N TRP B 276 33.10 -14.00 8.30
CA TRP B 276 33.44 -14.25 6.90
C TRP B 276 33.20 -13.06 6.02
N ASN B 277 32.32 -12.16 6.43
CA ASN B 277 31.96 -11.03 5.61
C ASN B 277 31.84 -9.72 6.38
N ARG B 278 31.95 -8.62 5.64
CA ARG B 278 31.78 -7.29 6.17
C ARG B 278 31.00 -6.45 5.18
N PHE B 279 29.93 -5.84 5.69
CA PHE B 279 29.04 -5.05 4.85
C PHE B 279 28.93 -3.60 5.35
N PHE B 280 28.88 -2.66 4.44
CA PHE B 280 28.73 -1.29 4.80
C PHE B 280 27.49 -0.73 4.19
N PHE B 281 26.77 0.07 4.97
CA PHE B 281 25.55 0.70 4.49
C PHE B 281 25.66 2.20 4.73
N ALA B 282 25.70 2.97 3.66
CA ALA B 282 26.03 4.39 3.74
C ALA B 282 24.92 5.27 4.35
N GLY B 283 23.67 4.84 4.26
CA GLY B 283 22.55 5.68 4.66
C GLY B 283 22.42 6.72 3.58
N ASP B 284 21.88 7.87 3.94
CA ASP B 284 21.91 9.08 3.11
C ASP B 284 23.12 9.85 3.62
N THR B 285 23.89 10.42 2.72
CA THR B 285 25.00 11.29 3.10
C THR B 285 25.48 12.06 1.89
N GLY B 286 26.16 13.16 2.06
CA GLY B 286 27.24 13.29 1.07
C GLY B 286 28.46 13.59 1.77
N TYR B 287 29.45 14.14 1.12
CA TYR B 287 30.68 13.45 0.89
C TYR B 287 31.44 14.11 2.07
N CYS B 288 32.03 13.31 2.95
CA CYS B 288 32.89 13.86 4.01
C CYS B 288 34.11 12.97 4.24
N PRO B 289 35.06 13.39 5.11
CA PRO B 289 36.01 12.39 5.64
C PRO B 289 35.10 11.44 6.37
N ALA B 290 35.58 10.55 7.22
CA ALA B 290 34.62 9.59 7.88
C ALA B 290 34.53 8.34 7.08
N PHE B 291 34.19 8.44 5.80
CA PHE B 291 34.28 7.27 4.93
C PHE B 291 35.72 6.77 4.86
N GLU B 292 36.66 7.68 4.92
CA GLU B 292 38.05 7.27 4.99
C GLU B 292 38.37 6.74 6.40
N GLU B 293 37.73 7.31 7.42
CA GLU B 293 37.90 6.82 8.81
C GLU B 293 37.37 5.39 8.96
N ILE B 294 36.27 5.14 8.28
CA ILE B 294 35.58 3.87 8.36
C ILE B 294 36.37 2.83 7.59
N GLY B 295 36.79 3.23 6.39
CA GLY B 295 37.60 2.39 5.54
C GLY B 295 38.85 1.95 6.27
N LYS B 296 39.46 2.84 7.05
CA LYS B 296 40.69 2.51 7.75
C LYS B 296 40.43 1.71 9.02
N ARG B 297 39.36 2.00 9.76
CA ARG B 297 39.15 1.33 11.05
C ARG B 297 38.62 -0.10 10.87
N PHE B 298 37.63 -0.22 10.02
CA PHE B 298 37.11 -1.53 9.62
C PHE B 298 37.66 -1.64 8.21
N GLY B 299 37.16 -2.51 7.37
CA GLY B 299 37.76 -2.52 6.03
C GLY B 299 39.02 -3.38 5.96
N PRO B 300 39.19 -4.13 4.85
CA PRO B 300 38.33 -4.08 3.65
C PRO B 300 36.92 -4.59 3.92
N PHE B 301 35.95 -4.05 3.19
CA PHE B 301 34.59 -4.54 3.19
C PHE B 301 34.36 -5.39 1.98
N ASP B 302 33.40 -6.29 2.09
CA ASP B 302 33.00 -7.15 0.99
C ASP B 302 31.98 -6.48 0.12
N LEU B 303 31.00 -5.84 0.73
CA LEU B 303 30.01 -5.12 -0.05
C LEU B 303 29.58 -3.90 0.69
N ALA B 304 29.29 -2.85 -0.09
CA ALA B 304 28.78 -1.58 0.45
C ALA B 304 27.59 -1.14 -0.37
N ALA B 305 26.55 -0.69 0.31
CA ALA B 305 25.40 -0.14 -0.39
C ALA B 305 25.52 1.36 -0.23
N ILE B 306 25.44 2.09 -1.36
CA ILE B 306 25.77 3.51 -1.40
C ILE B 306 24.77 4.27 -2.30
N PRO B 307 24.29 5.40 -1.79
CA PRO B 307 23.26 6.11 -2.56
C PRO B 307 23.84 6.78 -3.76
N ILE B 308 23.03 6.87 -4.80
CA ILE B 308 23.49 7.50 -6.00
C ILE B 308 22.46 8.46 -6.57
N GLY B 309 21.29 8.57 -5.95
CA GLY B 309 20.25 9.50 -6.40
C GLY B 309 19.90 10.56 -5.36
N ALA B 310 19.09 11.53 -5.80
CA ALA B 310 18.67 12.69 -5.00
C ALA B 310 19.80 13.78 -4.87
N TYR B 311 20.44 14.16 -5.96
CA TYR B 311 21.69 14.96 -5.87
C TYR B 311 21.64 16.31 -6.60
N GLU B 312 20.62 16.50 -7.42
CA GLU B 312 20.41 17.70 -8.21
C GLU B 312 19.28 18.54 -7.58
N PRO B 313 19.48 19.88 -7.46
CA PRO B 313 20.63 20.65 -7.96
C PRO B 313 21.79 20.63 -6.96
N ARG B 314 23.00 20.50 -7.49
CA ARG B 314 24.20 20.38 -6.66
C ARG B 314 24.37 21.44 -5.60
N TRP B 315 24.14 22.71 -5.97
CA TRP B 315 24.39 23.85 -5.07
C TRP B 315 23.62 23.71 -3.75
N PHE B 316 22.46 23.08 -3.78
CA PHE B 316 21.68 22.87 -2.56
C PHE B 316 21.93 21.51 -1.90
N MET B 317 22.03 20.47 -2.73
CA MET B 317 21.97 19.11 -2.22
C MET B 317 23.32 18.53 -1.82
N LYS B 318 24.41 19.14 -2.25
CA LYS B 318 25.70 18.49 -2.12
C LYS B 318 26.19 18.32 -0.69
N TYR B 319 25.63 19.08 0.24
CA TYR B 319 26.05 18.93 1.64
C TYR B 319 25.40 17.72 2.27
N GLN B 320 24.29 17.25 1.68
CA GLN B 320 23.48 16.17 2.29
C GLN B 320 23.33 14.92 1.43
N HIS B 321 23.69 14.99 0.15
CA HIS B 321 23.54 13.88 -0.78
C HIS B 321 24.71 13.80 -1.76
N VAL B 322 25.46 12.72 -1.74
CA VAL B 322 26.45 12.51 -2.83
C VAL B 322 25.81 12.44 -4.20
N ASP B 323 26.54 12.84 -5.24
CA ASP B 323 26.16 12.45 -6.60
C ASP B 323 26.95 11.17 -6.95
N PRO B 324 26.64 10.54 -8.09
CA PRO B 324 27.32 9.29 -8.41
C PRO B 324 28.84 9.39 -8.27
N GLU B 325 29.40 10.53 -8.68
CA GLU B 325 30.83 10.68 -8.65
C GLU B 325 31.28 10.54 -7.21
N GLU B 326 30.54 11.18 -6.31
CA GLU B 326 30.93 11.17 -4.92
C GLU B 326 30.67 9.82 -4.32
N ALA B 327 29.64 9.15 -4.86
CA ALA B 327 29.37 7.76 -4.51
C ALA B 327 30.61 6.92 -4.75
N VAL B 328 31.20 7.05 -5.91
CA VAL B 328 32.40 6.25 -6.13
C VAL B 328 33.61 6.68 -5.29
N ARG B 329 33.67 7.93 -4.86
CA ARG B 329 34.72 8.26 -3.94
C ARG B 329 34.49 7.55 -2.63
N ILE B 330 33.22 7.41 -2.21
CA ILE B 330 32.95 6.69 -0.97
C ILE B 330 33.36 5.21 -1.10
N HIS B 331 33.02 4.63 -2.23
CA HIS B 331 33.44 3.24 -2.54
C HIS B 331 34.92 3.05 -2.36
N THR B 332 35.71 3.97 -2.89
CA THR B 332 37.14 3.90 -2.67
C THR B 332 37.45 4.11 -1.19
N ASP B 333 36.89 5.14 -0.58
CA ASP B 333 37.38 5.56 0.74
C ASP B 333 37.18 4.45 1.74
N VAL B 334 36.06 3.79 1.58
CA VAL B 334 35.60 2.81 2.52
C VAL B 334 36.28 1.43 2.27
N GLN B 335 37.00 1.31 1.15
CA GLN B 335 37.81 0.12 0.85
C GLN B 335 36.99 -1.15 0.66
N THR B 336 35.83 -1.02 0.07
CA THR B 336 35.02 -2.17 -0.25
C THR B 336 35.49 -2.80 -1.56
N LYS B 337 35.39 -4.11 -1.65
CA LYS B 337 35.66 -4.83 -2.89
C LYS B 337 34.60 -4.50 -3.93
N LYS B 338 33.38 -4.27 -3.46
CA LYS B 338 32.26 -4.06 -4.37
C LYS B 338 31.23 -3.18 -3.74
N SER B 339 30.41 -2.54 -4.57
CA SER B 339 29.29 -1.73 -4.07
C SER B 339 28.05 -1.89 -4.87
N MET B 340 26.93 -1.54 -4.23
CA MET B 340 25.63 -1.61 -4.87
C MET B 340 25.00 -0.24 -4.72
N ALA B 341 24.41 0.26 -5.80
CA ALA B 341 23.69 1.55 -5.82
C ALA B 341 22.38 1.42 -5.09
N ILE B 342 22.11 2.30 -4.14
CA ILE B 342 20.76 2.41 -3.56
C ILE B 342 20.31 3.84 -3.66
N HIS B 343 19.24 4.22 -2.94
CA HIS B 343 18.52 5.47 -3.15
C HIS B 343 18.23 5.43 -4.64
N TRP B 344 17.87 6.48 -5.32
CA TRP B 344 17.54 6.23 -6.79
C TRP B 344 16.43 5.28 -7.26
N GLY B 345 15.79 5.71 -8.36
CA GLY B 345 14.89 4.88 -9.16
C GLY B 345 13.53 4.50 -8.56
N THR B 346 13.21 5.06 -7.40
CA THR B 346 12.09 4.62 -6.60
C THR B 346 11.18 5.78 -6.20
N PHE B 347 11.72 6.82 -5.55
CA PHE B 347 10.94 8.05 -5.33
C PHE B 347 11.60 9.19 -6.07
N ALA B 348 10.83 10.19 -6.45
CA ALA B 348 11.35 11.43 -7.03
C ALA B 348 11.52 12.46 -5.91
N LEU B 349 12.73 12.54 -5.39
CA LEU B 349 13.07 13.33 -4.23
C LEU B 349 13.92 14.55 -4.52
N ALA B 350 14.23 14.77 -5.82
CA ALA B 350 15.14 15.80 -6.26
C ALA B 350 14.92 16.00 -7.75
N ASN B 351 15.84 16.64 -8.45
CA ASN B 351 15.50 17.11 -9.78
C ASN B 351 16.12 16.37 -10.92
N GLU B 352 16.98 15.41 -10.64
CA GLU B 352 17.60 14.72 -11.76
C GLU B 352 16.59 13.80 -12.44
N HIS B 353 16.69 13.71 -13.75
CA HIS B 353 16.01 12.67 -14.53
C HIS B 353 16.11 11.30 -13.85
N TYR B 354 14.98 10.64 -13.66
CA TYR B 354 14.91 9.43 -12.84
C TYR B 354 15.90 8.34 -13.28
N LEU B 355 16.25 8.30 -14.57
CA LEU B 355 17.25 7.37 -15.10
C LEU B 355 18.75 7.82 -15.10
N GLU B 356 19.01 9.08 -14.70
CA GLU B 356 20.35 9.69 -14.78
C GLU B 356 21.34 9.10 -13.83
N PRO B 357 20.93 8.78 -12.59
CA PRO B 357 21.97 8.30 -11.69
C PRO B 357 22.83 7.16 -12.22
N PRO B 358 22.23 6.09 -12.77
CA PRO B 358 23.10 5.01 -13.26
C PRO B 358 24.06 5.46 -14.37
N VAL B 359 23.60 6.32 -15.25
CA VAL B 359 24.45 6.82 -16.33
C VAL B 359 25.70 7.56 -15.74
N LYS B 360 25.46 8.39 -14.74
CA LYS B 360 26.51 9.15 -14.11
C LYS B 360 27.41 8.28 -13.26
N LEU B 361 26.84 7.26 -12.65
CA LEU B 361 27.63 6.27 -11.95
C LEU B 361 28.68 5.68 -12.89
N ASN B 362 28.25 5.24 -14.08
CA ASN B 362 29.21 4.63 -15.04
C ASN B 362 30.25 5.59 -15.52
N GLU B 363 29.90 6.87 -15.66
CA GLU B 363 30.87 7.90 -16.09
C GLU B 363 31.92 8.11 -14.99
N ALA B 364 31.49 8.06 -13.75
CA ALA B 364 32.43 8.07 -12.64
C ALA B 364 33.36 6.87 -12.58
N LEU B 365 32.77 5.67 -12.72
CA LEU B 365 33.56 4.45 -12.72
C LEU B 365 34.62 4.53 -13.77
N GLU B 366 34.25 5.00 -14.97
CA GLU B 366 35.18 5.02 -16.05
C GLU B 366 36.30 5.98 -15.67
N ARG B 367 35.94 7.15 -15.16
CA ARG B 367 36.91 8.16 -14.82
C ARG B 367 37.93 7.71 -13.77
N TYR B 368 37.47 6.89 -12.82
CA TYR B 368 38.32 6.43 -11.72
C TYR B 368 38.99 5.08 -11.99
N GLY B 369 38.92 4.60 -13.24
CA GLY B 369 39.56 3.35 -13.65
C GLY B 369 38.87 2.08 -13.11
N LEU B 370 37.57 2.14 -12.93
CA LEU B 370 36.82 1.05 -12.38
C LEU B 370 35.74 0.64 -13.35
N ASN B 371 34.96 -0.35 -12.91
CA ASN B 371 34.10 -1.11 -13.77
C ASN B 371 32.74 -1.43 -13.16
N ALA B 372 31.73 -1.69 -13.99
CA ALA B 372 30.40 -2.09 -13.45
C ALA B 372 30.49 -3.25 -12.48
N GLU B 373 31.39 -4.17 -12.76
CA GLU B 373 31.69 -5.24 -11.85
C GLU B 373 31.99 -4.75 -10.41
N ASP B 374 32.61 -3.58 -10.28
CA ASP B 374 33.01 -3.02 -8.98
C ASP B 374 31.85 -2.37 -8.21
N PHE B 375 30.93 -1.75 -8.94
CA PHE B 375 29.85 -0.96 -8.37
C PHE B 375 28.70 -1.14 -9.35
N PHE B 376 27.74 -1.92 -8.89
CA PHE B 376 26.70 -2.39 -9.80
C PHE B 376 25.37 -1.84 -9.32
N VAL B 377 24.44 -1.82 -10.27
CA VAL B 377 23.07 -1.45 -10.01
C VAL B 377 22.20 -2.65 -10.34
N LEU B 378 21.25 -2.87 -9.45
CA LEU B 378 20.33 -3.99 -9.57
C LEU B 378 19.00 -3.52 -10.12
N LYS B 379 18.23 -4.44 -10.68
CA LYS B 379 16.84 -4.12 -10.86
C LYS B 379 16.11 -4.24 -9.53
N HIS B 380 14.93 -3.65 -9.44
CA HIS B 380 14.10 -3.78 -8.23
C HIS B 380 13.73 -5.26 -8.03
N GLY B 381 14.08 -5.77 -6.85
CA GLY B 381 13.82 -7.13 -6.48
C GLY B 381 14.88 -8.13 -6.89
N GLU B 382 15.92 -7.65 -7.56
CA GLU B 382 16.98 -8.56 -7.95
C GLU B 382 17.89 -8.83 -6.78
N SER B 383 18.56 -9.99 -6.83
CA SER B 383 19.49 -10.39 -5.83
C SER B 383 20.86 -10.56 -6.45
N ARG B 384 21.86 -10.51 -5.60
CA ARG B 384 23.19 -10.82 -6.07
C ARG B 384 23.95 -11.57 -4.98
N TYR B 385 24.65 -12.60 -5.37
CA TYR B 385 25.47 -13.40 -4.46
C TYR B 385 26.94 -13.01 -4.63
N LEU B 386 27.64 -12.85 -3.51
CA LEU B 386 29.06 -12.51 -3.52
C LEU B 386 29.80 -13.55 -2.75
N ASN B 387 30.54 -14.35 -3.48
CA ASN B 387 31.24 -15.48 -2.89
C ASN B 387 32.52 -14.94 -2.31
N ASN B 388 32.97 -15.51 -1.21
CA ASN B 388 34.08 -14.94 -0.47
C ASN B 388 35.45 -15.18 -1.15
N ASP B 389 36.19 -14.08 -1.38
CA ASP B 389 37.52 -14.07 -2.07
C ASP B 389 37.40 -13.71 -3.56
#